data_6A48
#
_entry.id   6A48
#
_cell.length_a   84.753
_cell.length_b   90.999
_cell.length_c   90.535
_cell.angle_alpha   90.00
_cell.angle_beta   90.00
_cell.angle_gamma   90.00
#
_symmetry.space_group_name_H-M   'P 21 21 21'
#
loop_
_entity.id
_entity.type
_entity.pdbx_description
1 polymer Reelin
2 non-polymer 'CALCIUM ION'
3 non-polymer 2-acetamido-2-deoxy-beta-D-glucopyranose
4 water water
#
_entity_poly.entity_id   1
_entity_poly.type   'polypeptide(L)'
_entity_poly.pdbx_seq_one_letter_code
;EIHSDSVILRDDFDSYQQLELNPNIWVECSNCEMGEQCGTIMHGNAVTFCEPYGPRELTTTCLNTTTASVLQFSIGSGSC
RFSYSDPSITVSYAKNNTADWIQLEKIRAPSNVSTVIHILYLPEEAKGESVQFQWKQDSLRVGEVYEACWALDNILVINS
AHREVVLEDNLDPVDTGNWLFFPGATVKHSCQSDGNSIYFHGNEGSEFNFATTRDVDLSTEDIQEQWSEEFESQPTGWDI
LGAVVGADCGTVESGLSLVFLKDGERKLCTPYMDTTGYGNLRFYFVMGGICDPGVSHENDIILYAKIEGRKEHIALDTLT
YSSYKVPSLVSVVINPELQTPATKFCLRQKSHQGYNRNVWAVDFFHVLPVLPSTMSHMIQFSINLGCGTHQPGNSVSLEF
STNHGRSWSLLHTECLPEICAGPHLPHSTVYSSENYSGWNRITIPLPNAALTRDTRIRWRQTGPILGNMWAIDNVYIGPS
CLKFCSGRGQCTRHGCKCDPGFSGPACEMASQTFPMFISESFGSARLSSYHNFYSIRGAEVSFGCGVLASGKALVFNKDG
RRQLITSFLDSSQSRFLQFTLRLGSKSVLSTCRAPDQPGEGVLLHYSYDNGITWKLLEHYSYVNYHEPRIISVELPDDAR
QFGIQFRWWQPYHSSQGEDVWAIDEIVMTSRLENLYF
;
_entity_poly.pdbx_strand_id   A
#
# COMPACT_ATOMS: atom_id res chain seq x y z
N SER A 6 -11.57 -8.86 18.19
CA SER A 6 -10.62 -8.60 17.11
C SER A 6 -10.13 -9.89 16.47
N VAL A 7 -9.55 -10.76 17.28
CA VAL A 7 -8.98 -12.02 16.81
C VAL A 7 -9.57 -13.15 17.63
N ILE A 8 -9.99 -14.22 16.95
CA ILE A 8 -10.57 -15.40 17.58
C ILE A 8 -9.49 -16.46 17.75
N LEU A 9 -8.51 -16.45 16.85
CA LEU A 9 -7.43 -17.42 16.88
C LEU A 9 -6.20 -16.80 16.22
N ARG A 10 -5.06 -16.88 16.90
CA ARG A 10 -3.80 -16.48 16.29
C ARG A 10 -2.68 -17.33 16.87
N ASP A 11 -1.81 -17.83 15.99
CA ASP A 11 -0.62 -18.54 16.44
C ASP A 11 0.41 -18.53 15.33
N ASP A 12 1.54 -17.87 15.59
CA ASP A 12 2.70 -17.94 14.70
C ASP A 12 3.63 -19.09 15.08
N PHE A 13 3.30 -19.83 16.14
CA PHE A 13 4.06 -20.96 16.66
C PHE A 13 5.43 -20.55 17.19
N ASP A 14 5.65 -19.25 17.37
CA ASP A 14 6.87 -18.73 17.98
C ASP A 14 6.57 -17.97 19.27
N SER A 15 5.36 -18.14 19.81
CA SER A 15 4.91 -17.39 20.98
C SER A 15 4.70 -18.27 22.20
N TYR A 16 5.05 -19.56 22.11
CA TYR A 16 4.83 -20.48 23.22
C TYR A 16 6.02 -21.42 23.38
N LEU A 21 3.37 -27.26 20.78
CA LEU A 21 2.07 -26.63 20.52
C LEU A 21 1.43 -26.14 21.81
N ASN A 22 0.81 -24.97 21.75
CA ASN A 22 0.05 -24.43 22.86
C ASN A 22 -1.19 -25.28 23.07
N PRO A 23 -1.30 -26.00 24.20
CA PRO A 23 -2.47 -26.89 24.38
C PRO A 23 -3.79 -26.15 24.57
N ASN A 24 -3.76 -24.83 24.79
CA ASN A 24 -4.98 -24.05 24.83
C ASN A 24 -5.42 -23.60 23.44
N ILE A 25 -4.68 -23.98 22.41
CA ILE A 25 -5.01 -23.64 21.03
C ILE A 25 -5.20 -24.88 20.17
N TRP A 26 -4.41 -25.92 20.41
CA TRP A 26 -4.32 -27.07 19.50
C TRP A 26 -4.52 -28.38 20.26
N VAL A 27 -5.35 -29.25 19.69
CA VAL A 27 -5.32 -30.65 20.08
C VAL A 27 -3.95 -31.22 19.70
N GLU A 28 -3.53 -32.26 20.41
CA GLU A 28 -2.26 -32.92 20.09
C GLU A 28 -2.25 -33.37 18.64
N CYS A 29 -1.20 -33.00 17.92
CA CYS A 29 -1.16 -33.21 16.48
C CYS A 29 -0.91 -34.68 16.14
N SER A 30 -1.18 -35.03 14.87
CA SER A 30 -0.88 -36.35 14.34
C SER A 30 0.41 -36.26 13.54
N ASN A 31 1.50 -36.77 14.11
CA ASN A 31 2.79 -36.94 13.43
C ASN A 31 3.34 -35.61 12.90
N CYS A 32 3.37 -34.61 13.77
CA CYS A 32 3.94 -33.31 13.43
C CYS A 32 5.09 -32.97 14.37
N GLU A 33 5.86 -31.96 13.96
CA GLU A 33 6.86 -31.34 14.81
C GLU A 33 6.67 -29.83 14.76
N MET A 34 6.87 -29.16 15.89
CA MET A 34 6.85 -27.69 15.93
C MET A 34 8.29 -27.22 15.99
N GLY A 35 8.81 -26.74 14.87
CA GLY A 35 10.18 -26.29 14.79
C GLY A 35 10.61 -25.89 13.40
N GLU A 36 11.87 -26.15 13.05
CA GLU A 36 12.46 -25.67 11.81
C GLU A 36 12.91 -26.81 10.91
N GLN A 37 12.18 -27.93 10.94
CA GLN A 37 12.56 -29.10 10.14
C GLN A 37 12.53 -28.81 8.65
N CYS A 38 11.73 -27.84 8.21
CA CYS A 38 11.66 -27.46 6.81
C CYS A 38 12.12 -26.02 6.57
N GLY A 39 12.87 -25.46 7.52
CA GLY A 39 13.32 -24.08 7.39
C GLY A 39 12.18 -23.11 7.67
N THR A 40 12.33 -21.92 7.10
CA THR A 40 11.37 -20.84 7.33
C THR A 40 10.17 -20.99 6.40
N ILE A 41 8.97 -20.93 6.97
CA ILE A 41 7.74 -20.86 6.20
C ILE A 41 7.35 -19.40 6.11
N MET A 42 6.86 -18.86 7.22
CA MET A 42 6.73 -17.42 7.41
C MET A 42 7.91 -16.84 8.18
N HIS A 43 8.19 -17.40 9.36
CA HIS A 43 9.28 -17.00 10.22
C HIS A 43 9.36 -17.96 11.39
N GLY A 44 10.58 -18.18 11.88
CA GLY A 44 10.76 -18.97 13.08
C GLY A 44 10.23 -20.38 12.91
N ASN A 45 9.43 -20.82 13.88
CA ASN A 45 8.92 -22.19 13.90
C ASN A 45 7.69 -22.34 13.00
N ALA A 46 7.46 -23.58 12.58
CA ALA A 46 6.26 -23.96 11.85
C ALA A 46 5.84 -25.34 12.31
N VAL A 47 4.61 -25.73 11.98
CA VAL A 47 4.10 -27.07 12.24
C VAL A 47 4.39 -27.91 11.01
N THR A 48 5.31 -28.86 11.13
CA THR A 48 5.85 -29.60 10.00
C THR A 48 5.37 -31.05 10.01
N PHE A 49 5.14 -31.59 8.82
CA PHE A 49 4.76 -32.99 8.65
C PHE A 49 5.73 -33.64 7.67
N CYS A 50 6.50 -34.62 8.16
CA CYS A 50 7.54 -35.24 7.35
C CYS A 50 7.63 -36.75 7.47
N GLU A 51 6.80 -37.40 8.29
CA GLU A 51 6.89 -38.84 8.44
C GLU A 51 6.42 -39.55 7.18
N PRO A 52 7.04 -40.68 6.82
CA PRO A 52 6.59 -41.41 5.62
C PRO A 52 5.16 -41.92 5.71
N TYR A 53 4.75 -42.44 6.87
CA TYR A 53 3.36 -42.87 7.07
C TYR A 53 2.77 -42.12 8.26
N GLY A 54 1.58 -42.56 8.66
CA GLY A 54 0.86 -41.97 9.75
C GLY A 54 -0.06 -40.87 9.27
N PRO A 55 -1.13 -40.62 10.00
CA PRO A 55 -1.99 -39.49 9.67
C PRO A 55 -1.24 -38.18 9.93
N ARG A 56 -1.44 -37.23 9.03
CA ARG A 56 -0.88 -35.90 9.18
C ARG A 56 -2.04 -34.95 9.44
N GLU A 57 -2.11 -34.41 10.66
CA GLU A 57 -3.29 -33.68 11.09
C GLU A 57 -2.93 -32.64 12.14
N LEU A 58 -3.53 -31.46 12.01
CA LEU A 58 -3.47 -30.40 13.01
C LEU A 58 -4.89 -29.87 13.23
N THR A 59 -5.32 -29.81 14.49
CA THR A 59 -6.69 -29.47 14.82
C THR A 59 -6.70 -28.48 15.98
N THR A 60 -7.49 -27.40 15.85
CA THR A 60 -7.65 -26.45 16.93
C THR A 60 -8.48 -27.06 18.05
N THR A 61 -8.37 -26.46 19.24
CA THR A 61 -9.36 -26.71 20.28
C THR A 61 -10.64 -25.95 19.92
N CYS A 62 -11.62 -26.05 20.82
CA CYS A 62 -12.91 -25.42 20.60
C CYS A 62 -12.77 -23.91 20.48
N LEU A 63 -13.53 -23.33 19.54
CA LEU A 63 -13.54 -21.88 19.31
C LEU A 63 -14.96 -21.39 19.20
N ASN A 64 -15.18 -20.15 19.63
CA ASN A 64 -16.45 -19.46 19.42
C ASN A 64 -16.31 -18.66 18.13
N THR A 65 -16.84 -19.21 17.03
CA THR A 65 -16.75 -18.57 15.72
C THR A 65 -18.03 -17.88 15.31
N THR A 66 -18.82 -17.42 16.29
CA THR A 66 -20.12 -16.84 15.99
C THR A 66 -20.01 -15.69 15.00
N THR A 67 -19.01 -14.83 15.18
CA THR A 67 -18.78 -13.71 14.27
C THR A 67 -17.43 -13.81 13.56
N ALA A 68 -16.96 -15.02 13.34
CA ALA A 68 -15.73 -15.24 12.58
C ALA A 68 -16.02 -15.07 11.09
N SER A 69 -15.16 -14.34 10.39
CA SER A 69 -15.35 -14.03 8.98
C SER A 69 -14.35 -14.73 8.08
N VAL A 70 -13.06 -14.74 8.44
CA VAL A 70 -12.00 -15.21 7.56
C VAL A 70 -11.07 -16.13 8.35
N LEU A 71 -10.66 -17.23 7.73
CA LEU A 71 -9.60 -18.09 8.20
C LEU A 71 -8.39 -17.92 7.28
N GLN A 72 -7.24 -17.63 7.87
CA GLN A 72 -6.01 -17.44 7.11
C GLN A 72 -4.93 -18.37 7.64
N PHE A 73 -4.09 -18.86 6.72
CA PHE A 73 -2.93 -19.67 7.10
C PHE A 73 -1.94 -19.65 5.96
N SER A 74 -0.67 -19.91 6.29
CA SER A 74 0.39 -20.08 5.31
C SER A 74 0.77 -21.55 5.24
N ILE A 75 1.14 -22.00 4.04
CA ILE A 75 1.48 -23.40 3.83
C ILE A 75 2.56 -23.51 2.77
N GLY A 76 3.41 -24.51 2.92
CA GLY A 76 4.49 -24.75 1.98
C GLY A 76 5.38 -25.85 2.47
N SER A 77 6.34 -26.22 1.62
CA SER A 77 7.32 -27.24 1.96
C SER A 77 8.63 -26.66 2.48
N GLY A 78 8.86 -25.36 2.30
CA GLY A 78 10.10 -24.77 2.77
C GLY A 78 11.31 -25.39 2.08
N SER A 79 12.26 -25.86 2.89
CA SER A 79 13.44 -26.54 2.38
C SER A 79 13.26 -28.06 2.32
N CYS A 80 12.11 -28.57 2.75
CA CYS A 80 11.83 -29.99 2.64
C CYS A 80 11.40 -30.33 1.21
N ARG A 81 11.34 -31.63 0.93
CA ARG A 81 10.88 -32.09 -0.38
C ARG A 81 9.42 -31.71 -0.59
N PHE A 82 9.10 -31.16 -1.75
CA PHE A 82 7.73 -30.83 -2.09
C PHE A 82 7.11 -31.94 -2.93
N SER A 83 5.78 -31.93 -3.00
CA SER A 83 5.04 -33.03 -3.59
C SER A 83 5.01 -32.92 -5.11
N TYR A 84 5.05 -34.09 -5.75
CA TYR A 84 4.58 -34.25 -7.12
C TYR A 84 3.28 -35.04 -7.20
N SER A 85 3.06 -35.98 -6.26
CA SER A 85 1.93 -36.88 -6.36
C SER A 85 1.37 -37.27 -4.99
N ASP A 86 1.71 -36.54 -3.92
CA ASP A 86 1.16 -36.85 -2.61
C ASP A 86 -0.33 -36.55 -2.56
N PRO A 87 -1.06 -37.21 -1.65
CA PRO A 87 -2.49 -36.88 -1.48
C PRO A 87 -2.68 -35.42 -1.12
N SER A 88 -3.87 -34.91 -1.43
CA SER A 88 -4.18 -33.51 -1.19
C SER A 88 -4.47 -33.27 0.30
N ILE A 89 -4.71 -32.01 0.64
CA ILE A 89 -4.86 -31.57 2.01
C ILE A 89 -6.21 -30.88 2.15
N THR A 90 -7.01 -31.33 3.11
CA THR A 90 -8.32 -30.75 3.36
C THR A 90 -8.24 -29.77 4.53
N VAL A 91 -8.99 -28.68 4.41
CA VAL A 91 -9.25 -27.76 5.50
C VAL A 91 -10.73 -27.88 5.81
N SER A 92 -11.06 -28.27 7.04
CA SER A 92 -12.44 -28.60 7.41
C SER A 92 -12.79 -27.95 8.74
N TYR A 93 -14.08 -28.05 9.09
CA TYR A 93 -14.57 -27.64 10.39
C TYR A 93 -15.55 -28.68 10.92
N ALA A 94 -15.65 -28.76 12.24
CA ALA A 94 -16.62 -29.63 12.90
C ALA A 94 -17.21 -28.88 14.09
N LYS A 95 -18.43 -29.27 14.45
CA LYS A 95 -19.16 -28.64 15.54
C LYS A 95 -19.28 -29.60 16.72
N ASN A 96 -19.36 -29.02 17.92
CA ASN A 96 -19.70 -29.77 19.14
C ASN A 96 -18.71 -30.90 19.43
N ASN A 97 -17.44 -30.70 19.07
CA ASN A 97 -16.36 -31.68 19.29
C ASN A 97 -16.73 -33.06 18.73
N THR A 98 -17.57 -33.08 17.69
CA THR A 98 -17.85 -34.33 16.99
C THR A 98 -16.77 -34.60 15.95
N ALA A 99 -16.84 -35.78 15.34
CA ALA A 99 -15.91 -36.15 14.29
C ALA A 99 -16.46 -35.87 12.89
N ASP A 100 -17.56 -35.14 12.78
CA ASP A 100 -18.18 -34.85 11.49
C ASP A 100 -17.50 -33.64 10.89
N TRP A 101 -16.38 -33.87 10.20
CA TRP A 101 -15.64 -32.80 9.56
C TRP A 101 -16.26 -32.44 8.22
N ILE A 102 -16.55 -31.15 8.05
CA ILE A 102 -17.14 -30.64 6.82
C ILE A 102 -16.07 -29.85 6.07
N GLN A 103 -15.81 -30.23 4.83
CA GLN A 103 -14.74 -29.64 4.05
C GLN A 103 -15.02 -28.17 3.73
N LEU A 104 -14.05 -27.31 4.06
CA LEU A 104 -14.07 -25.91 3.64
C LEU A 104 -13.35 -25.70 2.33
N GLU A 105 -12.18 -26.31 2.18
CA GLU A 105 -11.33 -26.15 1.01
C GLU A 105 -10.47 -27.40 0.90
N LYS A 106 -10.10 -27.75 -0.34
CA LYS A 106 -9.16 -28.83 -0.58
C LYS A 106 -8.09 -28.34 -1.53
N ILE A 107 -6.83 -28.45 -1.11
CA ILE A 107 -5.70 -27.93 -1.85
C ILE A 107 -4.67 -29.04 -2.01
N ARG A 108 -4.01 -29.07 -3.17
CA ARG A 108 -2.99 -30.07 -3.38
C ARG A 108 -1.82 -29.81 -2.43
N ALA A 109 -1.10 -30.88 -2.10
CA ALA A 109 0.07 -30.73 -1.26
C ALA A 109 1.07 -29.80 -1.95
N PRO A 110 1.77 -28.96 -1.18
CA PRO A 110 2.72 -28.02 -1.79
C PRO A 110 3.64 -28.70 -2.79
N SER A 111 3.66 -28.14 -4.01
CA SER A 111 4.41 -28.71 -5.12
C SER A 111 5.43 -27.76 -5.72
N ASN A 112 5.60 -26.56 -5.18
CA ASN A 112 6.74 -25.70 -5.45
C ASN A 112 7.50 -25.49 -4.13
N VAL A 113 8.49 -24.60 -4.13
CA VAL A 113 9.15 -24.25 -2.88
C VAL A 113 8.50 -23.06 -2.19
N SER A 114 7.66 -22.30 -2.90
CA SER A 114 7.10 -21.07 -2.35
C SER A 114 6.11 -21.36 -1.25
N THR A 115 5.99 -20.41 -0.33
CA THR A 115 4.95 -20.44 0.69
C THR A 115 3.75 -19.64 0.20
N VAL A 116 2.57 -20.23 0.34
CA VAL A 116 1.33 -19.62 -0.12
C VAL A 116 0.50 -19.24 1.11
N ILE A 117 0.02 -18.00 1.13
CA ILE A 117 -0.92 -17.55 2.15
C ILE A 117 -2.33 -17.79 1.63
N HIS A 118 -3.11 -18.56 2.37
CA HIS A 118 -4.47 -18.91 1.97
C HIS A 118 -5.46 -18.08 2.76
N ILE A 119 -6.44 -17.51 2.06
CA ILE A 119 -7.49 -16.70 2.67
C ILE A 119 -8.82 -17.40 2.39
N LEU A 120 -9.48 -17.84 3.45
CA LEU A 120 -10.73 -18.60 3.33
C LEU A 120 -11.86 -17.80 3.95
N TYR A 121 -12.90 -17.55 3.17
CA TYR A 121 -14.11 -16.90 3.67
C TYR A 121 -15.02 -17.97 4.26
N LEU A 122 -15.37 -17.80 5.54
CA LEU A 122 -16.04 -18.85 6.27
C LEU A 122 -17.53 -18.85 5.98
N PRO A 123 -18.11 -19.97 5.54
CA PRO A 123 -19.56 -20.03 5.36
C PRO A 123 -20.28 -19.90 6.68
N GLU A 124 -21.58 -19.62 6.60
CA GLU A 124 -22.38 -19.37 7.80
C GLU A 124 -22.45 -20.60 8.69
N GLU A 125 -22.56 -21.79 8.09
CA GLU A 125 -22.71 -23.02 8.87
C GLU A 125 -21.47 -23.37 9.66
N ALA A 126 -20.34 -22.70 9.40
CA ALA A 126 -19.14 -22.86 10.20
C ALA A 126 -19.07 -21.88 11.35
N LYS A 127 -20.02 -20.96 11.45
CA LYS A 127 -20.04 -19.95 12.51
C LYS A 127 -20.95 -20.44 13.63
N GLY A 128 -20.34 -20.81 14.76
CA GLY A 128 -21.10 -21.32 15.89
C GLY A 128 -20.34 -21.14 17.19
N GLU A 129 -20.95 -21.64 18.26
CA GLU A 129 -20.39 -21.48 19.60
C GLU A 129 -19.30 -22.49 19.91
N SER A 130 -19.29 -23.65 19.25
CA SER A 130 -18.29 -24.69 19.50
C SER A 130 -17.81 -25.24 18.16
N VAL A 131 -16.74 -24.67 17.64
CA VAL A 131 -16.22 -25.03 16.32
C VAL A 131 -14.72 -25.28 16.41
N GLN A 132 -14.25 -26.30 15.69
CA GLN A 132 -12.84 -26.55 15.47
C GLN A 132 -12.54 -26.54 13.98
N PHE A 133 -11.29 -26.25 13.65
CA PHE A 133 -10.79 -26.36 12.28
C PHE A 133 -9.72 -27.44 12.24
N GLN A 134 -9.59 -28.09 11.08
CA GLN A 134 -8.71 -29.24 10.94
C GLN A 134 -7.97 -29.15 9.62
N TRP A 135 -6.65 -29.19 9.69
CA TRP A 135 -5.79 -29.39 8.52
C TRP A 135 -5.38 -30.86 8.49
N LYS A 136 -5.74 -31.55 7.41
CA LYS A 136 -5.56 -33.00 7.32
C LYS A 136 -5.19 -33.38 5.90
N GLN A 137 -4.14 -34.18 5.74
CA GLN A 137 -3.77 -34.72 4.44
C GLN A 137 -4.47 -36.05 4.22
N ASP A 138 -4.92 -36.28 2.99
CA ASP A 138 -5.59 -37.53 2.66
C ASP A 138 -4.65 -38.71 2.92
N SER A 139 -5.25 -39.84 3.31
CA SER A 139 -4.45 -41.01 3.66
C SER A 139 -3.93 -41.72 2.41
N LEU A 140 -2.90 -42.53 2.61
CA LEU A 140 -2.26 -43.27 1.54
C LEU A 140 -2.92 -44.63 1.33
N ARG A 141 -2.57 -45.28 0.22
CA ARG A 141 -3.09 -46.60 -0.08
C ARG A 141 -1.96 -47.63 -0.17
N VAL A 145 3.50 -44.17 0.45
CA VAL A 145 4.37 -43.29 1.24
C VAL A 145 4.21 -41.84 0.82
N TYR A 146 4.13 -40.95 1.80
CA TYR A 146 4.28 -39.52 1.54
C TYR A 146 5.70 -39.27 1.07
N GLU A 147 5.87 -39.00 -0.23
CA GLU A 147 7.19 -38.69 -0.76
C GLU A 147 7.67 -37.28 -0.40
N ALA A 148 6.85 -36.49 0.28
CA ALA A 148 7.15 -35.09 0.51
C ALA A 148 6.67 -34.67 1.90
N CYS A 149 7.03 -33.44 2.27
CA CYS A 149 6.62 -32.81 3.51
C CYS A 149 5.73 -31.60 3.21
N TRP A 150 5.09 -31.09 4.27
CA TRP A 150 4.42 -29.80 4.20
C TRP A 150 4.33 -29.23 5.62
N ALA A 151 4.11 -27.92 5.70
CA ALA A 151 4.20 -27.21 6.96
C ALA A 151 3.22 -26.05 7.00
N LEU A 152 2.72 -25.75 8.20
CA LEU A 152 1.80 -24.65 8.44
C LEU A 152 2.45 -23.57 9.28
N ASP A 153 2.03 -22.32 9.06
CA ASP A 153 2.55 -21.19 9.81
C ASP A 153 1.54 -20.04 9.75
N ASN A 154 1.51 -19.23 10.80
CA ASN A 154 0.71 -18.01 10.88
C ASN A 154 -0.76 -18.29 10.55
N ILE A 155 -1.42 -18.94 11.49
CA ILE A 155 -2.84 -19.30 11.37
C ILE A 155 -3.66 -18.24 12.11
N LEU A 156 -4.73 -17.77 11.46
CA LEU A 156 -5.46 -16.60 11.95
C LEU A 156 -6.94 -16.75 11.64
N VAL A 157 -7.77 -16.53 12.66
CA VAL A 157 -9.21 -16.42 12.49
C VAL A 157 -9.61 -15.02 12.94
N ILE A 158 -10.14 -14.24 12.01
CA ILE A 158 -10.47 -12.85 12.25
C ILE A 158 -11.90 -12.76 12.79
N ASN A 159 -12.13 -11.73 13.60
CA ASN A 159 -13.43 -11.44 14.19
C ASN A 159 -14.01 -10.20 13.52
N SER A 160 -15.23 -10.30 13.02
CA SER A 160 -15.89 -9.20 12.32
C SER A 160 -16.71 -8.32 13.25
N ALA A 161 -16.95 -8.75 14.49
CA ALA A 161 -17.83 -8.04 15.39
C ALA A 161 -17.26 -6.69 15.79
N HIS A 162 -16.18 -6.70 16.58
CA HIS A 162 -15.76 -5.53 17.32
C HIS A 162 -14.72 -4.75 16.52
N ARG A 163 -15.00 -3.48 16.34
CA ARG A 163 -14.47 -2.74 15.21
C ARG A 163 -14.22 -1.29 15.57
N GLU A 164 -13.21 -0.73 14.92
CA GLU A 164 -12.74 0.59 15.30
C GLU A 164 -12.44 1.43 14.06
N VAL A 165 -12.61 2.75 14.23
CA VAL A 165 -12.34 3.73 13.19
C VAL A 165 -10.96 4.35 13.34
N VAL A 166 -10.23 4.01 14.38
CA VAL A 166 -8.91 4.54 14.65
C VAL A 166 -8.02 3.41 15.16
N LEU A 167 -6.76 3.40 14.71
CA LEU A 167 -5.75 2.49 15.22
C LEU A 167 -4.57 3.33 15.69
N GLU A 168 -4.24 3.24 16.98
CA GLU A 168 -3.11 3.96 17.54
C GLU A 168 -2.28 3.02 18.40
N ASP A 169 -0.99 2.96 18.13
CA ASP A 169 -0.12 2.03 18.84
C ASP A 169 1.31 2.54 18.79
N ASN A 170 1.86 2.92 19.95
CA ASN A 170 3.27 3.21 20.08
C ASN A 170 4.05 2.06 20.69
N LEU A 171 3.44 0.87 20.74
CA LEU A 171 4.03 -0.35 21.29
C LEU A 171 4.37 -0.23 22.77
N ASP A 172 3.88 0.79 23.44
CA ASP A 172 4.20 1.00 24.85
C ASP A 172 2.96 1.18 25.71
N PRO A 173 2.20 0.10 25.95
CA PRO A 173 2.45 -1.27 25.46
C PRO A 173 1.75 -1.53 24.13
N VAL A 174 2.15 -2.60 23.45
CA VAL A 174 1.46 -2.99 22.23
C VAL A 174 0.08 -3.51 22.58
N ASP A 175 -0.90 -3.20 21.73
CA ASP A 175 -2.18 -3.89 21.72
C ASP A 175 -2.08 -4.95 20.62
N THR A 176 -2.00 -6.22 21.03
CA THR A 176 -1.88 -7.30 20.05
C THR A 176 -3.08 -7.35 19.11
N GLY A 177 -4.22 -6.78 19.51
CA GLY A 177 -5.39 -6.76 18.66
C GLY A 177 -5.25 -5.85 17.45
N ASN A 178 -4.32 -4.90 17.48
CA ASN A 178 -4.09 -3.99 16.37
C ASN A 178 -3.33 -4.64 15.21
N TRP A 179 -2.73 -5.81 15.42
CA TRP A 179 -1.80 -6.37 14.47
C TRP A 179 -2.19 -7.80 14.14
N LEU A 180 -2.01 -8.18 12.87
CA LEU A 180 -2.22 -9.56 12.49
C LEU A 180 -0.93 -10.33 12.73
N PHE A 181 0.06 -10.16 11.85
CA PHE A 181 1.38 -10.73 12.05
C PHE A 181 2.43 -9.72 11.61
N PHE A 182 3.64 -9.87 12.15
CA PHE A 182 4.82 -9.17 11.64
C PHE A 182 5.96 -10.17 11.54
N PRO A 183 5.97 -11.00 10.49
CA PRO A 183 7.05 -11.98 10.33
C PRO A 183 8.40 -11.31 10.15
N GLY A 184 9.37 -11.78 10.93
CA GLY A 184 10.69 -11.19 10.93
C GLY A 184 10.92 -10.12 11.98
N ALA A 185 9.91 -9.78 12.76
CA ALA A 185 10.01 -8.68 13.71
C ALA A 185 9.60 -9.13 15.11
N THR A 186 10.06 -8.36 16.09
CA THR A 186 9.72 -8.52 17.50
C THR A 186 9.35 -7.15 18.05
N VAL A 187 8.37 -7.12 18.96
CA VAL A 187 8.06 -5.90 19.69
C VAL A 187 9.05 -5.78 20.84
N LYS A 188 9.94 -4.79 20.76
CA LYS A 188 10.97 -4.66 21.78
C LYS A 188 11.63 -3.29 21.65
N HIS A 189 12.40 -2.93 22.67
CA HIS A 189 13.28 -1.77 22.60
C HIS A 189 14.53 -2.16 21.83
N SER A 190 14.75 -1.51 20.70
CA SER A 190 15.91 -1.74 19.86
C SER A 190 15.94 -0.60 18.85
N CYS A 191 17.04 -0.52 18.10
CA CYS A 191 17.16 0.46 17.02
C CYS A 191 17.02 1.89 17.56
N GLN A 192 17.33 2.08 18.85
CA GLN A 192 17.23 3.38 19.52
C GLN A 192 15.79 3.91 19.54
N SER A 193 14.83 3.01 19.70
CA SER A 193 13.44 3.43 19.64
C SER A 193 13.02 4.12 20.93
N ASP A 194 11.94 4.90 20.83
CA ASP A 194 11.26 5.45 22.00
C ASP A 194 10.45 4.32 22.63
N GLY A 195 10.98 3.74 23.70
CA GLY A 195 10.35 2.56 24.27
C GLY A 195 10.43 1.39 23.30
N ASN A 196 9.32 0.66 23.17
CA ASN A 196 9.26 -0.45 22.24
C ASN A 196 8.96 0.04 20.82
N SER A 197 9.41 -0.74 19.85
CA SER A 197 9.00 -0.57 18.46
C SER A 197 8.81 -1.96 17.86
N ILE A 198 8.35 -2.00 16.61
CA ILE A 198 8.29 -3.24 15.85
C ILE A 198 9.60 -3.34 15.09
N TYR A 199 10.50 -4.22 15.55
CA TYR A 199 11.89 -4.21 15.12
C TYR A 199 12.20 -5.45 14.30
N PHE A 200 12.72 -5.23 13.09
CA PHE A 200 13.12 -6.30 12.18
C PHE A 200 14.65 -6.42 12.21
N HIS A 201 15.14 -7.56 12.69
CA HIS A 201 16.58 -7.77 12.83
C HIS A 201 17.26 -8.14 11.50
N GLY A 202 16.52 -8.67 10.54
CA GLY A 202 17.08 -8.98 9.23
C GLY A 202 17.67 -10.38 9.12
N ASN A 203 16.81 -11.40 9.08
CA ASN A 203 17.30 -12.77 8.98
C ASN A 203 16.84 -13.43 7.67
N SER A 206 15.03 -15.89 4.33
CA SER A 206 13.66 -15.58 4.72
C SER A 206 12.93 -14.87 3.58
N GLU A 207 11.73 -15.36 3.25
CA GLU A 207 10.99 -14.85 2.10
C GLU A 207 10.11 -13.65 2.43
N PHE A 208 9.56 -13.58 3.64
CA PHE A 208 8.61 -12.53 4.01
C PHE A 208 9.13 -11.74 5.19
N ASN A 209 9.05 -10.41 5.09
CA ASN A 209 9.35 -9.53 6.22
C ASN A 209 8.41 -8.34 6.09
N PHE A 210 7.33 -8.36 6.86
CA PHE A 210 6.35 -7.27 6.82
C PHE A 210 5.67 -7.17 8.18
N ALA A 211 4.91 -6.08 8.34
CA ALA A 211 4.05 -5.88 9.50
C ALA A 211 2.68 -5.48 9.00
N THR A 212 1.66 -6.25 9.34
CA THR A 212 0.30 -6.06 8.84
C THR A 212 -0.62 -5.68 9.99
N THR A 213 -1.41 -4.62 9.80
CA THR A 213 -2.39 -4.23 10.80
C THR A 213 -3.66 -5.05 10.67
N ARG A 214 -4.50 -4.97 11.68
CA ARG A 214 -5.86 -5.48 11.59
C ARG A 214 -6.67 -4.61 10.63
N ASP A 215 -7.85 -5.09 10.28
CA ASP A 215 -8.75 -4.30 9.46
C ASP A 215 -9.29 -3.12 10.26
N VAL A 216 -9.31 -1.95 9.63
CA VAL A 216 -9.81 -0.71 10.23
C VAL A 216 -11.00 -0.21 9.42
N ASP A 217 -12.01 0.29 10.11
CA ASP A 217 -13.18 0.91 9.46
C ASP A 217 -12.82 2.34 9.06
N LEU A 218 -12.43 2.52 7.80
CA LEU A 218 -12.11 3.84 7.27
C LEU A 218 -13.18 4.37 6.32
N SER A 219 -14.37 3.81 6.37
CA SER A 219 -15.45 4.25 5.52
C SER A 219 -15.84 5.69 5.83
N THR A 220 -16.48 6.34 4.85
CA THR A 220 -16.92 7.72 4.99
C THR A 220 -18.43 7.79 4.84
N GLU A 221 -19.00 8.83 5.45
CA GLU A 221 -20.45 8.92 5.57
C GLU A 221 -21.12 9.24 4.23
N ASP A 222 -20.55 10.16 3.45
CA ASP A 222 -20.94 10.34 2.06
C ASP A 222 -19.70 10.32 1.16
N ILE A 223 -19.96 10.20 -0.14
CA ILE A 223 -18.92 10.23 -1.16
C ILE A 223 -19.26 11.34 -2.16
N GLN A 224 -18.22 11.86 -2.81
CA GLN A 224 -18.40 12.96 -3.75
C GLN A 224 -18.09 12.54 -5.19
N GLU A 225 -18.77 11.49 -5.67
CA GLU A 225 -18.45 10.99 -7.00
C GLU A 225 -18.96 11.97 -8.06
N GLN A 226 -18.18 12.12 -9.13
CA GLN A 226 -18.57 12.99 -10.23
C GLN A 226 -19.14 12.21 -11.41
N TRP A 227 -18.95 10.90 -11.45
CA TRP A 227 -19.50 10.05 -12.49
C TRP A 227 -19.95 8.74 -11.86
N SER A 228 -21.11 8.27 -12.25
CA SER A 228 -21.60 6.99 -11.77
C SER A 228 -22.55 6.39 -12.81
N GLU A 229 -22.72 5.08 -12.74
CA GLU A 229 -23.69 4.36 -13.57
C GLU A 229 -24.54 3.50 -12.65
N GLU A 230 -25.87 3.70 -12.69
CA GLU A 230 -26.77 3.01 -11.78
C GLU A 230 -27.47 1.82 -12.40
N PHE A 231 -27.35 1.63 -13.71
CA PHE A 231 -27.90 0.45 -14.39
C PHE A 231 -29.41 0.31 -14.18
N GLU A 232 -30.14 1.44 -14.08
CA GLU A 232 -31.59 1.36 -14.06
C GLU A 232 -32.16 1.07 -15.45
N SER A 233 -31.30 1.05 -16.46
CA SER A 233 -31.59 0.58 -17.80
C SER A 233 -30.23 0.26 -18.40
N GLN A 234 -30.23 -0.57 -19.44
CA GLN A 234 -28.96 -0.97 -20.03
C GLN A 234 -28.22 0.28 -20.50
N PRO A 235 -27.01 0.54 -20.02
CA PRO A 235 -26.31 1.78 -20.36
C PRO A 235 -25.84 1.78 -21.80
N THR A 236 -25.67 2.99 -22.31
CA THR A 236 -25.24 3.22 -23.69
C THR A 236 -23.72 3.23 -23.77
N GLY A 237 -23.19 2.59 -24.81
CA GLY A 237 -21.77 2.64 -25.09
C GLY A 237 -20.91 1.68 -24.30
N TRP A 238 -21.50 0.86 -23.45
CA TRP A 238 -20.75 -0.17 -22.74
C TRP A 238 -20.61 -1.42 -23.62
N ASP A 239 -19.78 -2.37 -23.16
CA ASP A 239 -19.74 -3.72 -23.71
C ASP A 239 -20.39 -4.62 -22.67
N ILE A 240 -21.54 -5.19 -23.01
CA ILE A 240 -22.31 -6.01 -22.08
C ILE A 240 -22.65 -7.32 -22.77
N LEU A 241 -22.12 -8.43 -22.25
CA LEU A 241 -22.41 -9.76 -22.75
C LEU A 241 -22.98 -10.61 -21.62
N GLY A 242 -24.07 -11.29 -21.89
CA GLY A 242 -24.61 -12.28 -20.98
C GLY A 242 -25.33 -11.73 -19.77
N ALA A 243 -25.85 -10.50 -19.83
CA ALA A 243 -26.47 -9.87 -18.68
C ALA A 243 -27.86 -9.36 -19.02
N VAL A 244 -28.70 -9.27 -18.00
CA VAL A 244 -30.01 -8.61 -18.09
C VAL A 244 -30.10 -7.58 -16.97
N VAL A 245 -30.85 -6.52 -17.23
CA VAL A 245 -31.13 -5.51 -16.22
C VAL A 245 -32.25 -6.03 -15.33
N GLY A 246 -31.95 -6.27 -14.07
CA GLY A 246 -32.93 -6.85 -13.18
C GLY A 246 -32.49 -6.83 -11.73
N ALA A 247 -33.09 -7.72 -10.94
CA ALA A 247 -32.84 -7.76 -9.50
C ALA A 247 -32.90 -9.19 -8.98
N ASP A 248 -32.44 -10.14 -9.79
CA ASP A 248 -32.53 -11.55 -9.42
C ASP A 248 -31.72 -11.86 -8.17
N CYS A 249 -30.55 -11.24 -8.03
CA CYS A 249 -29.73 -11.40 -6.83
C CYS A 249 -30.12 -10.42 -5.73
N GLY A 250 -31.30 -9.82 -5.82
CA GLY A 250 -31.72 -8.84 -4.85
C GLY A 250 -31.11 -7.48 -5.11
N THR A 251 -31.36 -6.58 -4.16
CA THR A 251 -30.81 -5.24 -4.24
C THR A 251 -29.30 -5.31 -4.04
N VAL A 252 -28.56 -4.95 -5.08
CA VAL A 252 -27.09 -4.94 -4.98
C VAL A 252 -26.62 -3.60 -4.41
N GLU A 253 -27.24 -2.50 -4.84
CA GLU A 253 -26.99 -1.20 -4.23
C GLU A 253 -28.32 -0.46 -4.07
N SER A 254 -28.96 -0.14 -5.18
CA SER A 254 -30.33 0.36 -5.16
C SER A 254 -30.92 0.16 -6.55
N GLY A 255 -32.24 0.02 -6.60
CA GLY A 255 -32.89 -0.15 -7.88
C GLY A 255 -32.44 -1.43 -8.57
N LEU A 256 -32.37 -1.36 -9.89
CA LEU A 256 -32.00 -2.53 -10.68
C LEU A 256 -30.49 -2.66 -10.76
N SER A 257 -30.03 -3.82 -11.21
CA SER A 257 -28.62 -4.11 -11.35
C SER A 257 -28.40 -4.85 -12.67
N LEU A 258 -27.14 -5.00 -13.04
CA LEU A 258 -26.76 -5.87 -14.16
C LEU A 258 -26.55 -7.28 -13.61
N VAL A 259 -27.44 -8.20 -13.99
CA VAL A 259 -27.38 -9.57 -13.52
C VAL A 259 -26.82 -10.44 -14.64
N PHE A 260 -25.68 -11.08 -14.37
CA PHE A 260 -25.01 -11.92 -15.36
C PHE A 260 -25.47 -13.37 -15.13
N LEU A 261 -26.58 -13.72 -15.76
CA LEU A 261 -27.22 -15.02 -15.59
C LEU A 261 -27.40 -15.79 -16.89
N LYS A 262 -26.93 -15.24 -18.01
CA LYS A 262 -27.20 -15.85 -19.30
C LYS A 262 -26.19 -16.95 -19.61
N ASP A 263 -26.60 -17.88 -20.47
CA ASP A 263 -25.66 -18.78 -21.09
C ASP A 263 -24.73 -17.99 -22.00
N GLY A 264 -23.48 -18.44 -22.08
CA GLY A 264 -22.50 -17.78 -22.93
C GLY A 264 -21.56 -16.89 -22.14
N GLU A 265 -20.86 -16.04 -22.89
CA GLU A 265 -19.85 -15.16 -22.31
C GLU A 265 -20.50 -14.12 -21.40
N ARG A 266 -19.93 -13.94 -20.22
CA ARG A 266 -20.40 -12.95 -19.26
C ARG A 266 -19.28 -11.93 -19.05
N LYS A 267 -19.38 -10.79 -19.72
CA LYS A 267 -18.35 -9.77 -19.72
C LYS A 267 -19.01 -8.40 -19.61
N LEU A 268 -18.38 -7.51 -18.85
CA LEU A 268 -18.84 -6.13 -18.72
C LEU A 268 -17.66 -5.19 -18.90
N CYS A 269 -17.81 -4.21 -19.81
CA CYS A 269 -16.76 -3.22 -20.03
C CYS A 269 -17.36 -1.83 -20.06
N THR A 270 -16.73 -0.90 -19.33
CA THR A 270 -17.09 0.50 -19.45
C THR A 270 -16.74 1.02 -20.83
N PRO A 271 -17.32 2.16 -21.24
CA PRO A 271 -16.77 2.87 -22.39
C PRO A 271 -15.33 3.28 -22.09
N TYR A 272 -14.58 3.59 -23.15
CA TYR A 272 -13.31 4.26 -22.94
C TYR A 272 -13.57 5.61 -22.28
N MET A 273 -12.98 5.83 -21.12
CA MET A 273 -13.26 7.02 -20.31
C MET A 273 -11.99 7.83 -20.09
N ASP A 274 -12.18 9.14 -19.92
CA ASP A 274 -11.11 10.02 -19.49
C ASP A 274 -10.94 9.83 -17.98
N THR A 275 -9.91 9.09 -17.58
CA THR A 275 -9.62 8.85 -16.17
C THR A 275 -8.46 9.70 -15.65
N THR A 276 -8.05 10.74 -16.38
CA THR A 276 -6.91 11.54 -15.95
C THR A 276 -7.18 12.30 -14.65
N GLY A 277 -8.43 12.39 -14.21
CA GLY A 277 -8.74 12.99 -12.92
C GLY A 277 -9.25 12.02 -11.88
N TYR A 278 -9.14 10.71 -12.11
CA TYR A 278 -9.69 9.71 -11.20
C TYR A 278 -8.60 8.81 -10.66
N GLY A 279 -8.73 8.44 -9.39
CA GLY A 279 -7.75 7.55 -8.78
C GLY A 279 -8.35 6.30 -8.17
N ASN A 280 -9.67 6.17 -8.17
CA ASN A 280 -10.35 5.09 -7.46
C ASN A 280 -11.59 4.69 -8.25
N LEU A 281 -11.66 3.42 -8.64
CA LEU A 281 -12.85 2.85 -9.26
C LEU A 281 -13.60 2.01 -8.22
N ARG A 282 -14.91 2.21 -8.13
CA ARG A 282 -15.71 1.49 -7.16
C ARG A 282 -16.96 0.93 -7.80
N PHE A 283 -17.44 -0.19 -7.26
CA PHE A 283 -18.73 -0.74 -7.66
C PHE A 283 -19.16 -1.75 -6.61
N TYR A 284 -20.45 -2.05 -6.62
CA TYR A 284 -21.00 -3.07 -5.74
C TYR A 284 -21.18 -4.36 -6.49
N PHE A 285 -20.95 -5.47 -5.80
CA PHE A 285 -20.83 -6.77 -6.46
C PHE A 285 -21.35 -7.85 -5.53
N VAL A 286 -21.97 -8.87 -6.12
CA VAL A 286 -22.44 -10.03 -5.36
C VAL A 286 -22.43 -11.24 -6.28
N MET A 287 -22.09 -12.39 -5.71
CA MET A 287 -22.17 -13.67 -6.41
C MET A 287 -22.85 -14.66 -5.48
N GLY A 288 -23.95 -15.24 -5.94
CA GLY A 288 -24.71 -16.14 -5.09
C GLY A 288 -25.58 -15.42 -4.10
N GLY A 289 -25.65 -15.94 -2.87
CA GLY A 289 -26.59 -15.43 -1.90
C GLY A 289 -28.01 -15.72 -2.32
N ILE A 290 -28.75 -14.68 -2.72
CA ILE A 290 -30.09 -14.88 -3.27
C ILE A 290 -29.99 -15.61 -4.61
N CYS A 291 -28.94 -15.37 -5.37
CA CYS A 291 -28.71 -16.02 -6.64
C CYS A 291 -27.98 -17.35 -6.45
N ASP A 292 -27.88 -18.12 -7.53
CA ASP A 292 -27.14 -19.36 -7.50
C ASP A 292 -25.66 -19.09 -7.32
N PRO A 293 -25.01 -19.66 -6.31
CA PRO A 293 -23.61 -19.32 -6.03
C PRO A 293 -22.64 -20.02 -6.97
N GLY A 294 -21.46 -19.42 -7.08
CA GLY A 294 -20.32 -20.13 -7.63
C GLY A 294 -19.87 -21.23 -6.68
N VAL A 295 -19.15 -22.20 -7.22
CA VAL A 295 -18.81 -23.38 -6.44
C VAL A 295 -17.30 -23.55 -6.34
N SER A 296 -16.56 -23.07 -7.34
CA SER A 296 -15.12 -23.18 -7.34
C SER A 296 -14.52 -21.90 -7.92
N HIS A 297 -13.18 -21.88 -8.00
CA HIS A 297 -12.49 -20.70 -8.49
C HIS A 297 -12.55 -20.55 -10.01
N GLU A 298 -13.11 -21.52 -10.73
CA GLU A 298 -13.31 -21.28 -12.15
C GLU A 298 -14.49 -20.33 -12.41
N ASN A 299 -15.31 -20.07 -11.40
CA ASN A 299 -16.38 -19.09 -11.49
C ASN A 299 -15.94 -17.70 -11.08
N ASP A 300 -14.65 -17.49 -10.88
CA ASP A 300 -14.14 -16.20 -10.42
C ASP A 300 -14.28 -15.14 -11.51
N ILE A 301 -14.30 -13.88 -11.07
CA ILE A 301 -14.39 -12.73 -11.97
C ILE A 301 -13.03 -12.09 -12.09
N ILE A 302 -12.60 -11.84 -13.31
CA ILE A 302 -11.34 -11.16 -13.59
C ILE A 302 -11.64 -9.69 -13.84
N LEU A 303 -10.98 -8.82 -13.08
CA LEU A 303 -11.09 -7.37 -13.28
C LEU A 303 -9.81 -6.89 -13.94
N TYR A 304 -9.94 -6.25 -15.11
CA TYR A 304 -8.79 -5.76 -15.84
C TYR A 304 -9.14 -4.44 -16.50
N ALA A 305 -8.10 -3.75 -16.98
CA ALA A 305 -8.28 -2.49 -17.69
C ALA A 305 -7.62 -2.56 -19.06
N LYS A 306 -8.05 -1.67 -19.94
CA LYS A 306 -7.51 -1.61 -21.28
C LYS A 306 -7.41 -0.15 -21.70
N ILE A 307 -6.33 0.19 -22.39
CA ILE A 307 -6.09 1.54 -22.91
C ILE A 307 -6.44 1.54 -24.39
N GLU A 308 -7.13 2.58 -24.85
CA GLU A 308 -7.57 2.63 -26.23
C GLU A 308 -6.38 2.65 -27.17
N GLY A 309 -6.45 1.84 -28.22
CA GLY A 309 -5.38 1.72 -29.18
C GLY A 309 -4.37 0.63 -28.90
N ARG A 310 -4.30 0.16 -27.66
CA ARG A 310 -3.34 -0.87 -27.27
C ARG A 310 -4.06 -2.12 -26.81
N LYS A 311 -3.62 -3.27 -27.35
CA LYS A 311 -4.32 -4.53 -27.20
C LYS A 311 -4.21 -5.10 -25.79
N GLU A 312 -3.21 -4.70 -25.03
CA GLU A 312 -2.88 -5.37 -23.77
C GLU A 312 -3.98 -5.16 -22.72
N HIS A 313 -4.27 -6.23 -21.98
CA HIS A 313 -5.14 -6.17 -20.81
C HIS A 313 -4.28 -5.96 -19.56
N ILE A 314 -4.52 -4.87 -18.84
CA ILE A 314 -3.80 -4.60 -17.60
C ILE A 314 -4.61 -5.20 -16.45
N ALA A 315 -4.05 -6.21 -15.79
CA ALA A 315 -4.75 -6.88 -14.71
C ALA A 315 -4.88 -5.96 -13.49
N LEU A 316 -6.03 -6.04 -12.82
CA LEU A 316 -6.32 -5.21 -11.67
C LEU A 316 -6.60 -6.01 -10.42
N ASP A 317 -7.46 -7.02 -10.51
CA ASP A 317 -7.86 -7.79 -9.34
C ASP A 317 -8.63 -9.02 -9.82
N THR A 318 -8.91 -9.92 -8.88
CA THR A 318 -9.76 -11.08 -9.12
C THR A 318 -10.78 -11.14 -7.99
N LEU A 319 -12.05 -11.31 -8.36
CA LEU A 319 -13.14 -11.42 -7.40
C LEU A 319 -13.50 -12.90 -7.28
N THR A 320 -13.35 -13.45 -6.08
CA THR A 320 -13.52 -14.88 -5.87
C THR A 320 -14.97 -15.22 -5.51
N TYR A 321 -15.40 -16.42 -5.92
CA TYR A 321 -16.79 -16.82 -5.79
C TYR A 321 -17.28 -16.80 -4.34
N SER A 322 -16.37 -16.96 -3.38
CA SER A 322 -16.76 -17.08 -1.98
C SER A 322 -16.71 -15.76 -1.21
N SER A 323 -16.13 -14.71 -1.80
CA SER A 323 -15.90 -13.48 -1.05
C SER A 323 -17.11 -12.56 -1.01
N TYR A 324 -18.04 -12.68 -1.96
CA TYR A 324 -19.10 -11.70 -2.12
C TYR A 324 -20.47 -12.39 -2.14
N LYS A 325 -20.82 -13.03 -1.02
CA LYS A 325 -22.11 -13.68 -0.91
C LYS A 325 -23.23 -12.72 -0.55
N VAL A 326 -22.90 -11.56 0.00
CA VAL A 326 -23.84 -10.44 0.10
C VAL A 326 -23.30 -9.33 -0.79
N PRO A 327 -24.14 -8.37 -1.19
CA PRO A 327 -23.64 -7.21 -1.94
C PRO A 327 -22.52 -6.51 -1.18
N SER A 328 -21.40 -6.29 -1.86
CA SER A 328 -20.20 -5.75 -1.21
C SER A 328 -19.53 -4.72 -2.10
N LEU A 329 -18.97 -3.69 -1.46
CA LEU A 329 -18.22 -2.67 -2.18
C LEU A 329 -16.86 -3.21 -2.60
N VAL A 330 -16.53 -3.02 -3.87
CA VAL A 330 -15.21 -3.34 -4.41
C VAL A 330 -14.52 -2.02 -4.74
N SER A 331 -13.31 -1.84 -4.21
CA SER A 331 -12.57 -0.59 -4.35
C SER A 331 -11.21 -0.89 -4.95
N VAL A 332 -10.91 -0.26 -6.08
CA VAL A 332 -9.68 -0.55 -6.81
C VAL A 332 -8.97 0.76 -7.09
N VAL A 333 -7.64 0.74 -7.02
CA VAL A 333 -6.83 1.91 -7.36
C VAL A 333 -6.70 1.97 -8.88
N ILE A 334 -6.94 3.15 -9.44
CA ILE A 334 -6.64 3.42 -10.84
C ILE A 334 -5.19 3.87 -10.89
N ASN A 335 -4.30 2.97 -11.33
CA ASN A 335 -2.86 3.24 -11.37
C ASN A 335 -2.57 4.46 -12.24
N PRO A 336 -1.42 5.11 -12.00
CA PRO A 336 -1.00 6.18 -12.92
C PRO A 336 -0.90 5.75 -14.37
N GLU A 337 -0.53 4.50 -14.65
CA GLU A 337 -0.53 4.02 -16.02
C GLU A 337 -1.94 3.89 -16.60
N LEU A 338 -2.96 3.86 -15.74
CA LEU A 338 -4.34 3.77 -16.19
C LEU A 338 -5.06 5.11 -16.19
N GLN A 339 -4.40 6.18 -15.74
CA GLN A 339 -4.96 7.52 -15.79
C GLN A 339 -4.61 8.13 -17.13
N THR A 340 -5.46 7.89 -18.13
CA THR A 340 -5.26 8.29 -19.50
C THR A 340 -6.54 8.94 -20.01
N PRO A 341 -6.51 9.60 -21.17
CA PRO A 341 -7.76 10.13 -21.74
C PRO A 341 -8.71 9.06 -22.27
N ALA A 342 -8.28 7.80 -22.33
CA ALA A 342 -9.15 6.76 -22.89
C ALA A 342 -8.79 5.40 -22.27
N THR A 343 -9.31 5.18 -21.06
CA THR A 343 -9.15 3.92 -20.35
C THR A 343 -10.52 3.30 -20.11
N LYS A 344 -10.63 1.99 -20.30
CA LYS A 344 -11.86 1.28 -19.98
C LYS A 344 -11.59 0.18 -18.97
N PHE A 345 -12.61 -0.15 -18.19
CA PHE A 345 -12.52 -1.16 -17.15
C PHE A 345 -13.46 -2.31 -17.49
N CYS A 346 -13.02 -3.53 -17.20
CA CYS A 346 -13.73 -4.70 -17.66
C CYS A 346 -13.80 -5.78 -16.58
N LEU A 347 -14.98 -6.39 -16.47
CA LEU A 347 -15.20 -7.56 -15.63
C LEU A 347 -15.57 -8.74 -16.52
N ARG A 348 -14.90 -9.86 -16.33
CA ARG A 348 -15.20 -11.05 -17.13
C ARG A 348 -15.15 -12.27 -16.24
N GLN A 349 -16.15 -13.14 -16.37
CA GLN A 349 -16.17 -14.40 -15.66
C GLN A 349 -15.42 -15.46 -16.46
N LYS A 350 -14.68 -16.32 -15.76
CA LYS A 350 -13.91 -17.34 -16.44
C LYS A 350 -14.81 -18.41 -17.05
N SER A 351 -15.68 -19.01 -16.24
CA SER A 351 -16.60 -20.03 -16.73
C SER A 351 -17.76 -20.19 -15.78
N HIS A 352 -18.85 -20.74 -16.30
CA HIS A 352 -20.06 -21.00 -15.54
C HIS A 352 -20.74 -22.24 -16.11
N GLN A 353 -21.70 -22.78 -15.36
CA GLN A 353 -22.33 -24.04 -15.70
C GLN A 353 -23.70 -23.87 -16.34
N GLY A 354 -23.95 -22.73 -16.98
CA GLY A 354 -25.11 -22.55 -17.83
C GLY A 354 -26.03 -21.47 -17.32
N TYR A 355 -27.19 -21.37 -17.99
CA TYR A 355 -28.17 -20.34 -17.66
C TYR A 355 -28.59 -20.45 -16.20
N ASN A 356 -28.69 -19.29 -15.56
CA ASN A 356 -29.07 -19.18 -14.15
C ASN A 356 -28.12 -19.94 -13.22
N ARG A 357 -26.90 -20.23 -13.67
CA ARG A 357 -25.91 -20.92 -12.86
C ARG A 357 -24.74 -19.99 -12.56
N ASN A 358 -24.26 -20.04 -11.32
CA ASN A 358 -23.10 -19.27 -10.87
C ASN A 358 -23.26 -17.79 -11.27
N VAL A 359 -24.30 -17.18 -10.74
CA VAL A 359 -24.75 -15.87 -11.18
C VAL A 359 -24.10 -14.78 -10.32
N TRP A 360 -23.65 -13.72 -10.98
CA TRP A 360 -23.11 -12.55 -10.32
C TRP A 360 -23.80 -11.29 -10.84
N ALA A 361 -23.81 -10.25 -10.01
CA ALA A 361 -24.45 -8.99 -10.35
C ALA A 361 -23.60 -7.83 -9.87
N VAL A 362 -23.65 -6.73 -10.61
CA VAL A 362 -22.94 -5.51 -10.26
C VAL A 362 -23.92 -4.34 -10.29
N ASP A 363 -23.56 -3.27 -9.58
CA ASP A 363 -24.40 -2.08 -9.53
C ASP A 363 -23.57 -0.91 -9.04
N PHE A 364 -24.01 0.29 -9.40
CA PHE A 364 -23.43 1.56 -8.94
C PHE A 364 -21.92 1.61 -9.17
N PHE A 365 -21.54 1.50 -10.44
CA PHE A 365 -20.18 1.87 -10.84
C PHE A 365 -19.96 3.35 -10.55
N HIS A 366 -18.84 3.68 -9.91
CA HIS A 366 -18.52 5.09 -9.76
C HIS A 366 -17.02 5.25 -9.57
N VAL A 367 -16.55 6.48 -9.80
CA VAL A 367 -15.13 6.80 -9.72
C VAL A 367 -14.95 7.98 -8.79
N LEU A 368 -13.78 8.03 -8.16
CA LEU A 368 -13.43 9.08 -7.21
C LEU A 368 -12.04 9.60 -7.51
N PRO A 369 -11.72 10.81 -7.05
CA PRO A 369 -10.34 11.30 -7.18
C PRO A 369 -9.38 10.50 -6.32
N VAL A 370 -8.09 10.76 -6.53
CA VAL A 370 -7.05 10.04 -5.78
C VAL A 370 -7.22 10.27 -4.28
N LEU A 371 -7.33 11.53 -3.87
CA LEU A 371 -7.53 11.94 -2.48
C LEU A 371 -8.92 12.54 -2.29
N PRO A 372 -9.57 12.27 -1.17
CA PRO A 372 -10.82 12.98 -0.88
C PRO A 372 -10.55 14.46 -0.65
N SER A 373 -11.51 15.29 -1.07
CA SER A 373 -11.36 16.74 -0.90
C SER A 373 -11.22 17.12 0.57
N THR A 374 -11.95 16.41 1.44
CA THR A 374 -11.92 16.65 2.87
C THR A 374 -10.61 16.25 3.54
N MET A 375 -9.76 15.47 2.86
CA MET A 375 -8.54 14.93 3.46
C MET A 375 -8.87 14.26 4.80
N SER A 376 -9.95 13.48 4.79
CA SER A 376 -10.60 13.09 6.04
C SER A 376 -9.81 12.07 6.84
N HIS A 377 -8.95 11.27 6.19
CA HIS A 377 -8.24 10.22 6.92
C HIS A 377 -6.76 10.26 6.57
N MET A 378 -5.97 9.69 7.48
CA MET A 378 -4.52 9.79 7.38
C MET A 378 -3.89 8.57 8.03
N ILE A 379 -2.61 8.38 7.73
CA ILE A 379 -1.75 7.47 8.46
C ILE A 379 -0.49 8.24 8.83
N GLN A 380 0.05 7.94 10.01
CA GLN A 380 1.30 8.53 10.47
C GLN A 380 2.08 7.46 11.21
N PHE A 381 3.40 7.49 11.07
CA PHE A 381 4.25 6.51 11.74
C PHE A 381 5.70 7.01 11.72
N SER A 382 6.49 6.47 12.64
CA SER A 382 7.93 6.67 12.63
C SER A 382 8.58 5.42 12.06
N ILE A 383 9.65 5.61 11.30
CA ILE A 383 10.35 4.49 10.68
C ILE A 383 11.84 4.76 10.73
N ASN A 384 12.61 3.70 10.98
CA ASN A 384 14.06 3.74 10.91
C ASN A 384 14.48 2.65 9.94
N LEU A 385 15.22 3.03 8.89
CA LEU A 385 15.75 2.10 7.92
C LEU A 385 17.25 1.91 8.18
N GLY A 386 17.67 0.66 8.39
CA GLY A 386 19.05 0.35 8.65
C GLY A 386 19.44 0.32 10.12
N CYS A 387 18.84 1.18 10.95
CA CYS A 387 19.10 1.25 12.38
C CYS A 387 20.57 1.61 12.65
N GLY A 388 20.91 2.85 12.30
CA GLY A 388 22.26 3.32 12.53
C GLY A 388 23.29 2.76 11.57
N THR A 389 22.87 2.16 10.48
CA THR A 389 23.79 1.75 9.42
C THR A 389 23.05 1.80 8.09
N HIS A 390 23.47 2.69 7.19
CA HIS A 390 22.91 2.75 5.85
C HIS A 390 23.16 1.42 5.15
N GLN A 391 22.07 0.73 4.80
CA GLN A 391 22.15 -0.53 4.08
C GLN A 391 21.54 -0.34 2.68
N PRO A 392 22.34 -0.34 1.62
CA PRO A 392 21.77 -0.23 0.28
C PRO A 392 20.83 -1.38 -0.01
N GLY A 393 19.75 -1.08 -0.75
CA GLY A 393 18.73 -2.07 -1.04
C GLY A 393 17.67 -2.23 0.03
N ASN A 394 17.84 -1.62 1.20
CA ASN A 394 16.86 -1.67 2.28
C ASN A 394 15.74 -0.69 1.94
N SER A 395 14.55 -1.22 1.63
CA SER A 395 13.44 -0.41 1.21
C SER A 395 12.14 -1.02 1.72
N VAL A 396 11.22 -0.17 2.17
CA VAL A 396 9.94 -0.60 2.71
C VAL A 396 8.83 0.05 1.89
N SER A 397 7.94 -0.78 1.36
CA SER A 397 6.75 -0.29 0.66
C SER A 397 5.58 -0.29 1.63
N LEU A 398 4.79 0.79 1.58
CA LEU A 398 3.61 0.94 2.40
C LEU A 398 2.39 0.63 1.54
N GLU A 399 1.68 -0.43 1.90
CA GLU A 399 0.60 -0.95 1.07
C GLU A 399 -0.68 -1.06 1.89
N PHE A 400 -1.80 -1.18 1.19
CA PHE A 400 -3.09 -1.40 1.83
C PHE A 400 -3.87 -2.44 1.06
N SER A 401 -4.81 -3.07 1.77
CA SER A 401 -5.72 -4.05 1.20
C SER A 401 -7.13 -3.75 1.68
N THR A 402 -8.10 -3.93 0.79
CA THR A 402 -9.51 -3.77 1.13
C THR A 402 -10.27 -5.09 0.97
N ASN A 403 -9.56 -6.21 0.87
CA ASN A 403 -10.19 -7.52 0.70
C ASN A 403 -9.51 -8.57 1.57
N HIS A 404 -9.20 -8.19 2.82
CA HIS A 404 -8.63 -9.10 3.81
C HIS A 404 -7.32 -9.73 3.34
N GLY A 405 -6.45 -8.90 2.76
CA GLY A 405 -5.13 -9.33 2.37
C GLY A 405 -5.06 -10.14 1.09
N ARG A 406 -6.18 -10.33 0.39
CA ARG A 406 -6.15 -11.09 -0.85
C ARG A 406 -5.27 -10.42 -1.90
N SER A 407 -5.32 -9.09 -1.98
CA SER A 407 -4.44 -8.35 -2.85
C SER A 407 -4.10 -7.01 -2.21
N TRP A 408 -2.98 -6.44 -2.62
CA TRP A 408 -2.44 -5.24 -2.00
C TRP A 408 -2.08 -4.21 -3.05
N SER A 409 -2.13 -2.93 -2.66
CA SER A 409 -1.77 -1.82 -3.52
C SER A 409 -0.91 -0.84 -2.74
N LEU A 410 0.09 -0.27 -3.42
CA LEU A 410 0.84 0.84 -2.84
C LEU A 410 -0.12 1.94 -2.42
N LEU A 411 0.10 2.51 -1.24
CA LEU A 411 -0.84 3.50 -0.71
C LEU A 411 -0.92 4.72 -1.64
N HIS A 412 0.21 5.21 -2.12
CA HIS A 412 0.23 6.20 -3.19
C HIS A 412 1.29 5.81 -4.20
N THR A 413 1.00 6.01 -5.48
CA THR A 413 1.95 5.80 -6.57
C THR A 413 2.21 7.14 -7.25
N GLU A 414 3.48 7.45 -7.46
CA GLU A 414 3.88 8.74 -8.02
C GLU A 414 3.25 8.97 -9.39
N CYS A 415 2.95 10.23 -9.68
CA CYS A 415 2.43 10.65 -10.98
C CYS A 415 3.07 11.98 -11.31
N LEU A 416 4.04 11.97 -12.21
CA LEU A 416 4.93 13.10 -12.49
C LEU A 416 4.76 13.61 -13.91
N PRO A 417 5.12 14.87 -14.17
CA PRO A 417 4.86 15.45 -15.50
C PRO A 417 5.52 14.65 -16.61
N GLU A 418 4.88 14.71 -17.79
CA GLU A 418 5.28 13.99 -19.00
C GLU A 418 5.10 12.48 -18.88
N ILE A 419 5.59 11.90 -17.78
CA ILE A 419 5.51 10.44 -17.63
C ILE A 419 4.09 10.00 -17.33
N CYS A 420 3.33 10.81 -16.58
CA CYS A 420 2.01 10.46 -16.10
C CYS A 420 1.02 11.57 -16.44
N ALA A 421 -0.18 11.19 -16.84
CA ALA A 421 -1.21 12.14 -17.22
C ALA A 421 -2.28 12.34 -16.14
N GLY A 422 -2.16 11.65 -15.01
CA GLY A 422 -3.12 11.77 -13.94
C GLY A 422 -2.86 12.98 -13.06
N PRO A 423 -3.55 13.07 -11.93
CA PRO A 423 -3.31 14.19 -11.01
C PRO A 423 -1.90 14.11 -10.43
N HIS A 424 -1.28 15.27 -10.29
CA HIS A 424 0.10 15.31 -9.82
C HIS A 424 0.20 14.72 -8.41
N LEU A 425 1.06 13.72 -8.26
CA LEU A 425 1.30 13.06 -6.98
C LEU A 425 2.81 12.84 -6.90
N PRO A 426 3.52 13.65 -6.12
CA PRO A 426 4.99 13.67 -6.26
C PRO A 426 5.70 12.43 -5.73
N HIS A 427 5.18 11.76 -4.71
CA HIS A 427 5.96 10.72 -4.04
C HIS A 427 5.15 9.45 -3.85
N SER A 428 5.73 8.33 -4.23
CA SER A 428 5.20 7.02 -3.88
C SER A 428 5.52 6.71 -2.42
N THR A 429 4.64 5.93 -1.79
CA THR A 429 4.82 5.54 -0.40
C THR A 429 5.83 4.39 -0.29
N VAL A 430 7.05 4.69 -0.69
CA VAL A 430 8.19 3.77 -0.63
C VAL A 430 9.30 4.49 0.12
N TYR A 431 9.99 3.76 1.01
CA TYR A 431 10.96 4.37 1.91
C TYR A 431 12.23 3.51 1.92
N SER A 432 13.31 4.07 1.37
CA SER A 432 14.56 3.34 1.21
C SER A 432 15.66 3.97 2.07
N SER A 433 16.62 3.13 2.47
CA SER A 433 17.71 3.57 3.32
C SER A 433 18.56 4.66 2.68
N GLU A 434 18.58 4.74 1.35
CA GLU A 434 19.39 5.77 0.68
C GLU A 434 18.92 7.18 1.02
N ASN A 435 17.65 7.35 1.36
CA ASN A 435 17.08 8.68 1.52
C ASN A 435 16.73 9.03 2.96
N TYR A 436 16.85 8.10 3.89
CA TYR A 436 16.47 8.34 5.28
C TYR A 436 17.58 7.90 6.22
N SER A 437 17.79 8.69 7.28
CA SER A 437 18.78 8.41 8.29
C SER A 437 18.12 8.48 9.65
N GLY A 438 18.38 7.48 10.49
CA GLY A 438 17.79 7.48 11.82
C GLY A 438 16.28 7.37 11.76
N TRP A 439 15.63 7.91 12.79
CA TRP A 439 14.19 7.86 12.89
C TRP A 439 13.54 9.04 12.16
N ASN A 440 12.49 8.73 11.40
CA ASN A 440 11.80 9.73 10.61
C ASN A 440 10.30 9.53 10.72
N ARG A 441 9.56 10.63 10.87
CA ARG A 441 8.11 10.58 10.97
C ARG A 441 7.50 10.81 9.59
N ILE A 442 6.66 9.87 9.16
CA ILE A 442 6.00 9.91 7.87
C ILE A 442 4.51 10.15 8.10
N THR A 443 3.94 11.12 7.41
CA THR A 443 2.55 11.52 7.60
C THR A 443 1.88 11.60 6.24
N ILE A 444 0.78 10.86 6.07
CA ILE A 444 0.20 10.63 4.73
C ILE A 444 -1.32 10.74 4.74
N PRO A 445 -1.92 11.58 3.90
CA PRO A 445 -3.38 11.50 3.73
C PRO A 445 -3.77 10.22 2.99
N LEU A 446 -4.82 9.57 3.50
CA LEU A 446 -5.20 8.30 2.87
C LEU A 446 -5.95 8.53 1.56
N PRO A 447 -5.67 7.73 0.54
CA PRO A 447 -6.40 7.85 -0.72
C PRO A 447 -7.83 7.35 -0.58
N ASN A 448 -8.69 7.79 -1.51
CA ASN A 448 -10.09 7.38 -1.51
C ASN A 448 -10.23 5.86 -1.55
N ALA A 449 -9.39 5.19 -2.33
CA ALA A 449 -9.54 3.75 -2.50
C ALA A 449 -9.37 3.00 -1.17
N ALA A 450 -8.56 3.52 -0.26
CA ALA A 450 -8.40 2.91 1.05
C ALA A 450 -9.54 3.25 2.01
N LEU A 451 -10.40 4.20 1.66
CA LEU A 451 -11.47 4.62 2.57
C LEU A 451 -12.61 3.63 2.47
N THR A 452 -12.30 2.43 2.92
CA THR A 452 -13.31 1.43 2.99
C THR A 452 -13.47 0.96 4.40
N ARG A 453 -14.19 -0.09 4.46
CA ARG A 453 -14.90 -0.43 5.63
C ARG A 453 -14.21 -1.60 6.30
N ASP A 454 -13.38 -2.31 5.53
CA ASP A 454 -12.36 -3.24 6.03
C ASP A 454 -11.07 -2.95 5.27
N THR A 455 -10.28 -2.01 5.76
CA THR A 455 -8.98 -1.68 5.18
C THR A 455 -7.89 -2.00 6.19
N ARG A 456 -6.89 -2.77 5.77
CA ARG A 456 -5.71 -3.05 6.57
C ARG A 456 -4.47 -2.48 5.87
N ILE A 457 -3.45 -2.17 6.67
CA ILE A 457 -2.23 -1.53 6.20
C ILE A 457 -1.07 -2.48 6.46
N ARG A 458 -0.05 -2.44 5.60
CA ARG A 458 1.13 -3.24 5.87
C ARG A 458 2.39 -2.53 5.38
N TRP A 459 3.46 -2.68 6.16
CA TRP A 459 4.80 -2.23 5.80
C TRP A 459 5.58 -3.47 5.35
N ARG A 460 6.06 -3.47 4.12
CA ARG A 460 6.71 -4.66 3.56
C ARG A 460 8.12 -4.30 3.10
N GLN A 461 9.10 -5.03 3.61
CA GLN A 461 10.46 -4.94 3.11
C GLN A 461 10.53 -5.53 1.72
N THR A 462 11.10 -4.79 0.77
CA THR A 462 11.18 -5.25 -0.61
C THR A 462 12.61 -5.59 -1.04
N GLY A 463 13.56 -5.62 -0.10
CA GLY A 463 14.89 -6.11 -0.37
C GLY A 463 15.05 -7.53 0.16
N PRO A 464 16.27 -7.89 0.59
CA PRO A 464 16.53 -9.18 1.24
C PRO A 464 15.62 -9.45 2.44
N GLY A 467 19.78 -9.19 4.64
CA GLY A 467 19.23 -9.11 5.98
C GLY A 467 19.16 -7.67 6.49
N ASN A 468 18.13 -6.96 6.06
CA ASN A 468 18.00 -5.53 6.33
C ASN A 468 17.29 -5.30 7.66
N MET A 469 17.84 -4.39 8.47
CA MET A 469 17.23 -4.00 9.73
C MET A 469 16.34 -2.79 9.52
N TRP A 470 15.17 -2.81 10.16
CA TRP A 470 14.31 -1.63 10.15
C TRP A 470 13.33 -1.76 11.32
N ALA A 471 12.63 -0.67 11.57
CA ALA A 471 11.68 -0.62 12.68
C ALA A 471 10.64 0.45 12.41
N ILE A 472 9.45 0.26 12.98
CA ILE A 472 8.38 1.26 12.93
C ILE A 472 7.86 1.48 14.34
N ASP A 473 7.27 2.64 14.56
CA ASP A 473 6.81 3.06 15.88
C ASP A 473 5.74 4.13 15.69
N ASN A 474 5.05 4.45 16.78
CA ASN A 474 4.13 5.60 16.83
C ASN A 474 3.12 5.57 15.67
N VAL A 475 2.44 4.44 15.52
CA VAL A 475 1.50 4.27 14.41
C VAL A 475 0.17 4.91 14.76
N TYR A 476 -0.35 5.72 13.84
CA TYR A 476 -1.71 6.24 13.91
C TYR A 476 -2.40 6.03 12.57
N ILE A 477 -3.59 5.44 12.59
CA ILE A 477 -4.43 5.29 11.41
C ILE A 477 -5.85 5.68 11.78
N GLY A 478 -6.44 6.63 11.06
CA GLY A 478 -7.79 7.03 11.32
C GLY A 478 -8.12 8.43 10.86
N PRO A 479 -9.16 9.04 11.46
CA PRO A 479 -9.54 10.40 11.08
C PRO A 479 -8.37 11.36 11.25
N SER A 480 -8.23 12.27 10.30
CA SER A 480 -7.09 13.17 10.28
C SER A 480 -7.15 14.20 11.39
N CYS A 481 -6.05 14.35 12.12
CA CYS A 481 -5.89 15.52 12.96
C CYS A 481 -5.85 16.77 12.07
N LEU A 482 -6.21 17.90 12.67
CA LEU A 482 -6.27 19.17 11.94
C LEU A 482 -4.96 19.45 11.22
N LYS A 483 -5.05 19.57 9.89
CA LYS A 483 -3.91 19.89 9.02
C LYS A 483 -2.77 18.87 9.14
N PHE A 484 -3.11 17.63 9.53
CA PHE A 484 -2.11 16.59 9.78
C PHE A 484 -1.06 17.05 10.78
N CYS A 485 -1.45 17.96 11.68
CA CYS A 485 -0.58 18.58 12.69
C CYS A 485 0.54 19.40 12.07
N SER A 486 0.37 19.82 10.81
CA SER A 486 1.25 20.76 10.12
C SER A 486 2.68 20.25 9.97
N GLY A 487 2.89 18.94 10.08
CA GLY A 487 4.24 18.42 10.06
C GLY A 487 5.03 18.73 11.30
N ARG A 488 4.38 19.26 12.35
CA ARG A 488 5.03 19.66 13.59
C ARG A 488 4.40 18.99 14.80
N GLY A 489 3.81 17.81 14.63
CA GLY A 489 3.17 17.14 15.74
C GLY A 489 2.79 15.72 15.40
N GLN A 490 2.57 14.95 16.45
CA GLN A 490 2.09 13.57 16.34
C GLN A 490 0.57 13.57 16.46
N CYS A 491 -0.10 12.91 15.52
CA CYS A 491 -1.56 12.83 15.58
C CYS A 491 -1.97 11.72 16.53
N THR A 492 -2.78 12.05 17.52
CA THR A 492 -3.29 11.09 18.48
C THR A 492 -4.81 11.01 18.38
N ARG A 493 -5.35 9.99 19.02
CA ARG A 493 -6.79 9.81 19.13
C ARG A 493 -7.48 11.06 19.68
N HIS A 494 -6.78 11.85 20.48
CA HIS A 494 -7.35 13.03 21.14
C HIS A 494 -6.79 14.33 20.59
N GLY A 495 -6.22 14.32 19.40
CA GLY A 495 -5.72 15.52 18.77
C GLY A 495 -4.21 15.49 18.59
N CYS A 496 -3.67 16.64 18.19
CA CYS A 496 -2.24 16.75 17.93
C CYS A 496 -1.47 16.82 19.24
N LYS A 497 -0.41 16.01 19.34
CA LYS A 497 0.64 16.19 20.34
C LYS A 497 1.78 16.91 19.64
N CYS A 498 1.97 18.19 19.97
CA CYS A 498 2.87 19.03 19.21
C CYS A 498 4.32 18.83 19.62
N ASP A 499 5.22 18.98 18.64
CA ASP A 499 6.64 18.93 18.89
C ASP A 499 7.08 20.12 19.74
N PRO A 500 8.22 20.00 20.43
CA PRO A 500 8.71 21.13 21.24
C PRO A 500 8.89 22.39 20.39
N GLY A 501 8.40 23.51 20.90
CA GLY A 501 8.48 24.77 20.19
C GLY A 501 7.29 25.10 19.31
N PHE A 502 6.30 24.21 19.24
CA PHE A 502 5.09 24.43 18.47
C PHE A 502 3.89 24.15 19.36
N SER A 503 2.75 24.75 19.00
CA SER A 503 1.56 24.67 19.84
C SER A 503 0.33 24.98 19.00
N GLY A 504 -0.84 24.69 19.57
CA GLY A 504 -2.10 24.92 18.90
C GLY A 504 -2.76 23.63 18.47
N PRO A 505 -4.05 23.70 18.11
CA PRO A 505 -4.76 22.47 17.72
C PRO A 505 -4.16 21.77 16.52
N ALA A 506 -3.47 22.52 15.64
CA ALA A 506 -2.75 21.92 14.52
C ALA A 506 -1.25 22.14 14.63
N CYS A 507 -0.75 22.57 15.78
CA CYS A 507 0.68 22.85 15.97
C CYS A 507 1.16 23.91 14.99
N GLU A 508 0.33 24.95 14.80
CA GLU A 508 0.64 26.01 13.85
C GLU A 508 1.37 27.19 14.50
N MET A 509 1.26 27.36 15.81
CA MET A 509 1.96 28.43 16.51
C MET A 509 3.39 27.99 16.79
N ALA A 510 4.36 28.74 16.28
CA ALA A 510 5.77 28.42 16.45
C ALA A 510 6.43 29.42 17.39
N SER A 511 7.44 28.95 18.12
CA SER A 511 8.21 29.82 19.00
C SER A 511 9.36 30.50 18.25
N GLN A 512 10.02 29.78 17.35
CA GLN A 512 11.11 30.34 16.56
C GLN A 512 10.55 31.14 15.38
N THR A 513 11.42 31.93 14.77
CA THR A 513 11.12 32.64 13.54
C THR A 513 12.11 32.22 12.46
N PHE A 514 11.69 32.40 11.20
CA PHE A 514 12.52 31.94 10.10
C PHE A 514 12.96 33.11 9.22
N PRO A 515 14.12 32.98 8.55
CA PRO A 515 14.61 34.10 7.73
C PRO A 515 13.65 34.44 6.61
N MET A 516 13.49 35.74 6.35
CA MET A 516 12.66 36.22 5.25
C MET A 516 13.44 36.45 3.98
N PHE A 517 14.52 35.70 3.77
CA PHE A 517 15.36 35.86 2.59
C PHE A 517 16.19 34.61 2.41
N ILE A 518 16.70 34.43 1.20
CA ILE A 518 17.76 33.45 0.97
C ILE A 518 18.66 34.00 -0.12
N SER A 519 19.94 33.64 -0.05
CA SER A 519 20.93 34.13 -1.02
C SER A 519 22.07 33.13 -1.05
N GLU A 520 22.35 32.55 -2.21
CA GLU A 520 23.43 31.58 -2.33
C GLU A 520 24.05 31.69 -3.71
N SER A 521 25.35 32.00 -3.76
CA SER A 521 26.13 32.01 -4.99
C SER A 521 27.00 30.77 -5.15
N PHE A 522 27.04 29.90 -4.14
CA PHE A 522 27.75 28.62 -4.21
C PHE A 522 29.26 28.81 -4.35
N GLY A 523 29.82 29.68 -3.50
CA GLY A 523 31.27 29.84 -3.46
C GLY A 523 32.01 28.74 -2.74
N SER A 524 31.34 28.01 -1.86
CA SER A 524 32.00 27.00 -1.03
C SER A 524 31.87 25.62 -1.65
N ALA A 525 32.99 24.90 -1.76
CA ALA A 525 32.99 23.55 -2.29
C ALA A 525 32.57 22.51 -1.25
N ARG A 526 32.30 22.93 -0.01
CA ARG A 526 31.93 22.02 1.08
C ARG A 526 30.43 22.11 1.32
N LEU A 527 29.70 21.04 0.99
CA LEU A 527 28.26 21.05 1.17
C LEU A 527 27.87 21.15 2.64
N SER A 528 28.77 20.76 3.55
CA SER A 528 28.49 20.83 4.99
C SER A 528 28.37 22.26 5.51
N SER A 529 28.75 23.26 4.73
CA SER A 529 28.74 24.65 5.18
C SER A 529 27.46 25.38 4.84
N TYR A 530 26.52 24.74 4.14
CA TYR A 530 25.32 25.41 3.63
C TYR A 530 24.18 25.25 4.62
N HIS A 531 24.14 26.13 5.62
CA HIS A 531 23.08 26.08 6.63
C HIS A 531 21.78 26.73 6.17
N ASN A 532 21.80 27.46 5.06
CA ASN A 532 20.59 27.97 4.45
C ASN A 532 19.87 26.92 3.61
N PHE A 533 20.40 25.71 3.55
CA PHE A 533 19.76 24.60 2.85
C PHE A 533 19.62 23.40 3.77
N TYR A 534 18.43 22.79 3.73
CA TYR A 534 18.16 21.61 4.56
C TYR A 534 18.77 20.35 3.95
N SER A 535 18.77 20.24 2.63
CA SER A 535 19.23 19.02 1.96
C SER A 535 19.91 19.38 0.65
N ILE A 536 21.07 18.77 0.41
CA ILE A 536 21.79 18.87 -0.86
C ILE A 536 22.20 17.46 -1.22
N ARG A 537 21.51 16.84 -2.18
CA ARG A 537 21.71 15.45 -2.55
C ARG A 537 22.16 15.33 -4.00
N GLY A 538 23.15 14.47 -4.23
CA GLY A 538 23.53 14.09 -5.58
C GLY A 538 24.25 15.16 -6.38
N ALA A 539 24.93 16.08 -5.70
CA ALA A 539 25.49 17.24 -6.37
C ALA A 539 26.87 17.55 -5.82
N GLU A 540 27.60 18.35 -6.59
CA GLU A 540 28.87 18.93 -6.20
C GLU A 540 28.85 20.40 -6.59
N VAL A 541 29.73 21.18 -5.97
CA VAL A 541 29.91 22.58 -6.31
C VAL A 541 31.18 22.70 -7.14
N SER A 542 31.05 23.08 -8.40
CA SER A 542 32.18 23.06 -9.33
C SER A 542 31.81 23.86 -10.59
N PHE A 543 32.72 23.85 -11.57
CA PHE A 543 32.50 24.44 -12.89
C PHE A 543 32.03 23.42 -13.91
N GLY A 544 31.52 22.27 -13.46
CA GLY A 544 31.21 21.18 -14.37
C GLY A 544 30.25 21.54 -15.49
N CYS A 545 29.35 22.48 -15.23
CA CYS A 545 28.40 22.95 -16.24
C CYS A 545 28.73 24.36 -16.71
N GLY A 546 30.00 24.75 -16.63
CA GLY A 546 30.37 26.11 -16.97
C GLY A 546 29.84 27.11 -15.94
N VAL A 547 29.92 28.38 -16.33
CA VAL A 547 29.45 29.47 -15.48
C VAL A 547 27.98 29.71 -15.78
N LEU A 548 27.15 29.66 -14.74
CA LEU A 548 25.72 29.96 -14.88
C LEU A 548 25.46 31.43 -14.59
N ALA A 549 25.73 31.86 -13.36
CA ALA A 549 25.70 33.28 -13.03
C ALA A 549 27.14 33.80 -12.94
N SER A 550 27.82 33.47 -11.86
CA SER A 550 29.23 33.81 -11.70
C SER A 550 29.90 32.71 -10.91
N GLY A 551 31.16 32.43 -11.24
CA GLY A 551 31.92 31.45 -10.50
C GLY A 551 31.35 30.04 -10.64
N LYS A 552 31.42 29.29 -9.55
CA LYS A 552 30.95 27.92 -9.54
C LYS A 552 29.42 27.86 -9.43
N ALA A 553 28.88 26.67 -9.69
CA ALA A 553 27.46 26.41 -9.55
C ALA A 553 27.27 25.09 -8.82
N LEU A 554 26.03 24.77 -8.48
CA LEU A 554 25.69 23.49 -7.88
C LEU A 554 25.32 22.53 -9.00
N VAL A 555 26.17 21.53 -9.23
CA VAL A 555 26.06 20.64 -10.39
C VAL A 555 25.59 19.28 -9.90
N PHE A 556 24.48 18.79 -10.46
CA PHE A 556 23.90 17.52 -10.03
C PHE A 556 24.42 16.42 -10.96
N ASN A 557 25.45 15.73 -10.50
CA ASN A 557 26.19 14.70 -11.24
C ASN A 557 25.85 13.28 -10.81
N LYS A 558 25.60 13.08 -9.53
CA LYS A 558 25.85 11.80 -8.88
C LYS A 558 24.67 10.84 -9.02
N ASP A 559 24.92 9.59 -8.64
CA ASP A 559 23.87 8.60 -8.59
C ASP A 559 22.93 8.88 -7.43
N GLY A 560 21.69 8.41 -7.57
CA GLY A 560 20.73 8.52 -6.49
C GLY A 560 19.97 9.83 -6.53
N ARG A 561 19.43 10.20 -5.36
CA ARG A 561 18.58 11.37 -5.26
C ARG A 561 19.32 12.63 -5.68
N ARG A 562 18.70 13.40 -6.57
CA ARG A 562 19.22 14.70 -6.98
C ARG A 562 18.18 15.74 -6.55
N GLN A 563 18.44 16.41 -5.42
CA GLN A 563 17.48 17.39 -4.94
C GLN A 563 18.21 18.47 -4.16
N LEU A 564 17.52 19.60 -4.02
CA LEU A 564 17.98 20.74 -3.24
C LEU A 564 16.78 21.27 -2.47
N ILE A 565 16.89 21.32 -1.15
CA ILE A 565 15.80 21.77 -0.28
C ILE A 565 16.32 22.91 0.59
N THR A 566 15.69 24.07 0.48
CA THR A 566 16.05 25.19 1.34
C THR A 566 15.76 24.86 2.80
N SER A 567 16.45 25.55 3.69
CA SER A 567 16.03 25.58 5.07
C SER A 567 14.65 26.22 5.17
N PHE A 568 14.05 26.12 6.35
CA PHE A 568 12.75 26.73 6.57
C PHE A 568 12.88 28.25 6.44
N LEU A 569 11.96 28.85 5.70
CA LEU A 569 11.96 30.27 5.43
C LEU A 569 10.61 30.86 5.79
N ASP A 570 10.55 32.18 5.79
CA ASP A 570 9.31 32.93 5.94
C ASP A 570 9.19 33.76 4.67
N SER A 571 8.33 33.33 3.75
CA SER A 571 8.11 33.99 2.48
C SER A 571 6.87 34.89 2.50
N SER A 572 6.36 35.23 3.68
CA SER A 572 5.11 35.97 3.78
C SER A 572 5.21 37.37 3.18
N GLN A 573 6.40 37.96 3.17
CA GLN A 573 6.60 39.30 2.61
C GLN A 573 7.51 39.28 1.39
N SER A 574 7.58 38.14 0.71
CA SER A 574 8.42 37.96 -0.47
C SER A 574 7.55 37.88 -1.71
N ARG A 575 8.03 38.46 -2.81
CA ARG A 575 7.27 38.50 -4.04
C ARG A 575 7.67 37.40 -5.03
N PHE A 576 8.96 37.08 -5.12
CA PHE A 576 9.42 36.12 -6.10
C PHE A 576 10.56 35.27 -5.53
N LEU A 577 10.78 34.14 -6.17
CA LEU A 577 11.95 33.28 -5.94
C LEU A 577 12.74 33.23 -7.24
N GLN A 578 14.01 33.61 -7.17
CA GLN A 578 14.84 33.77 -8.36
C GLN A 578 16.03 32.83 -8.30
N PHE A 579 16.40 32.27 -9.45
CA PHE A 579 17.56 31.39 -9.56
C PHE A 579 17.93 31.24 -11.01
N THR A 580 19.18 30.86 -11.26
CA THR A 580 19.67 30.58 -12.60
C THR A 580 19.76 29.07 -12.79
N LEU A 581 19.16 28.58 -13.86
CA LEU A 581 19.04 27.15 -14.13
C LEU A 581 19.65 26.80 -15.47
N ARG A 582 20.25 25.62 -15.55
CA ARG A 582 20.78 25.08 -16.80
C ARG A 582 20.62 23.58 -16.80
N LEU A 583 20.08 23.04 -17.90
CA LEU A 583 19.93 21.60 -18.09
C LEU A 583 20.83 21.21 -19.27
N GLY A 584 22.03 20.74 -18.96
CA GLY A 584 22.94 20.25 -19.97
C GLY A 584 23.79 21.32 -20.63
N SER A 585 24.64 20.86 -21.54
CA SER A 585 25.55 21.74 -22.26
C SER A 585 24.80 22.64 -23.25
N SER A 590 31.11 17.84 -21.66
CA SER A 590 31.09 16.39 -21.49
C SER A 590 30.81 16.03 -20.04
N THR A 591 31.07 16.96 -19.14
CA THR A 591 30.73 16.83 -17.74
C THR A 591 29.37 17.44 -17.41
N CYS A 592 28.59 17.78 -18.43
CA CYS A 592 27.29 18.40 -18.25
C CYS A 592 26.41 18.05 -19.45
N ARG A 593 26.21 16.76 -19.70
CA ARG A 593 25.43 16.32 -20.86
C ARG A 593 23.95 16.32 -20.52
N ALA A 594 23.15 16.86 -21.45
CA ALA A 594 21.77 17.21 -21.16
C ALA A 594 20.90 15.98 -20.91
N PRO A 595 19.85 16.13 -20.11
CA PRO A 595 18.82 15.08 -20.01
C PRO A 595 18.24 14.78 -21.39
N ASP A 596 18.21 13.49 -21.73
CA ASP A 596 17.79 13.08 -23.07
C ASP A 596 16.41 12.45 -23.12
N GLN A 597 15.79 12.15 -21.97
CA GLN A 597 14.51 11.47 -22.01
C GLN A 597 13.43 12.28 -21.32
N PRO A 598 12.17 12.19 -21.79
CA PRO A 598 11.06 12.81 -21.08
C PRO A 598 11.06 12.46 -19.60
N GLY A 599 10.54 13.38 -18.80
CA GLY A 599 10.50 13.18 -17.36
C GLY A 599 11.83 13.31 -16.65
N GLU A 600 12.92 13.60 -17.36
CA GLU A 600 14.20 13.84 -16.74
C GLU A 600 14.46 15.32 -16.50
N GLY A 601 13.43 16.15 -16.60
CA GLY A 601 13.54 17.56 -16.29
C GLY A 601 13.59 17.81 -14.79
N VAL A 602 13.43 19.07 -14.42
CA VAL A 602 13.55 19.52 -13.04
C VAL A 602 12.20 20.04 -12.58
N LEU A 603 11.84 19.72 -11.34
CA LEU A 603 10.59 20.17 -10.73
C LEU A 603 10.89 21.09 -9.56
N LEU A 604 10.08 22.13 -9.42
CA LEU A 604 10.14 23.04 -8.28
C LEU A 604 8.87 22.87 -7.45
N HIS A 605 9.04 22.42 -6.20
CA HIS A 605 7.93 22.26 -5.27
C HIS A 605 8.13 23.17 -4.07
N TYR A 606 7.05 23.37 -3.31
CA TYR A 606 7.15 24.01 -2.00
C TYR A 606 6.27 23.26 -1.01
N SER A 607 6.62 23.37 0.27
CA SER A 607 5.84 22.77 1.33
C SER A 607 5.95 23.63 2.57
N TYR A 608 4.82 23.91 3.20
CA TYR A 608 4.80 24.62 4.47
C TYR A 608 4.15 23.79 5.57
N ASP A 609 4.17 22.46 5.42
CA ASP A 609 3.77 21.56 6.49
C ASP A 609 4.84 20.49 6.71
N ASN A 610 6.10 20.90 6.62
CA ASN A 610 7.26 20.06 6.94
C ASN A 610 7.32 18.82 6.06
N GLY A 611 7.06 18.99 4.77
CA GLY A 611 7.23 17.92 3.81
C GLY A 611 6.08 16.95 3.68
N ILE A 612 4.96 17.18 4.35
CA ILE A 612 3.80 16.31 4.17
C ILE A 612 3.19 16.53 2.79
N THR A 613 3.03 17.78 2.39
CA THR A 613 2.38 18.15 1.14
C THR A 613 3.35 19.01 0.33
N TRP A 614 3.90 18.44 -0.75
CA TRP A 614 4.74 19.18 -1.67
C TRP A 614 3.91 19.63 -2.86
N LYS A 615 3.76 20.94 -3.02
CA LYS A 615 2.90 21.53 -4.04
C LYS A 615 3.73 21.97 -5.23
N LEU A 616 3.33 21.55 -6.44
CA LEU A 616 4.11 21.83 -7.63
C LEU A 616 4.01 23.30 -8.00
N LEU A 617 5.17 23.96 -8.10
CA LEU A 617 5.24 25.36 -8.50
C LEU A 617 5.54 25.52 -9.99
N GLU A 618 6.61 24.87 -10.47
CA GLU A 618 6.96 24.92 -11.89
C GLU A 618 7.65 23.62 -12.28
N HIS A 619 7.63 23.34 -13.58
CA HIS A 619 8.29 22.19 -14.17
C HIS A 619 9.12 22.64 -15.35
N TYR A 620 10.39 22.24 -15.38
CA TYR A 620 11.34 22.70 -16.39
C TYR A 620 11.68 21.53 -17.31
N SER A 621 11.11 21.56 -18.51
CA SER A 621 11.23 20.45 -19.45
C SER A 621 12.69 20.13 -19.73
N TYR A 622 12.97 18.85 -19.96
CA TYR A 622 14.31 18.40 -20.28
C TYR A 622 14.76 18.94 -21.65
N VAL A 623 13.96 19.80 -22.26
CA VAL A 623 14.16 20.22 -23.64
C VAL A 623 14.30 21.73 -23.82
N ASN A 624 14.50 22.46 -22.74
CA ASN A 624 14.28 23.90 -22.82
C ASN A 624 15.34 24.78 -22.18
N TYR A 625 16.38 24.21 -21.57
CA TYR A 625 17.26 25.01 -20.73
C TYR A 625 18.72 24.66 -20.98
N HIS A 626 19.09 24.51 -22.25
CA HIS A 626 20.48 24.20 -22.58
C HIS A 626 21.41 25.39 -22.42
N GLU A 627 20.87 26.61 -22.41
CA GLU A 627 21.72 27.74 -22.07
C GLU A 627 21.22 28.42 -20.80
N PRO A 628 22.14 28.88 -19.95
CA PRO A 628 21.75 29.34 -18.60
C PRO A 628 20.66 30.39 -18.65
N ARG A 629 19.71 30.28 -17.73
CA ARG A 629 18.50 31.09 -17.78
C ARG A 629 18.19 31.64 -16.39
N ILE A 630 18.02 32.95 -16.30
CA ILE A 630 17.54 33.58 -15.08
C ILE A 630 16.04 33.32 -14.98
N ILE A 631 15.65 32.53 -13.99
CA ILE A 631 14.24 32.20 -13.76
C ILE A 631 13.75 33.01 -12.57
N SER A 632 12.60 33.64 -12.72
CA SER A 632 12.01 34.46 -11.67
C SER A 632 10.58 33.97 -11.47
N VAL A 633 10.33 33.29 -10.35
CA VAL A 633 9.05 32.67 -10.07
C VAL A 633 8.27 33.58 -9.14
N GLU A 634 7.30 34.30 -9.69
CA GLU A 634 6.41 35.09 -8.85
C GLU A 634 5.57 34.14 -7.99
N LEU A 635 5.54 34.41 -6.68
CA LEU A 635 4.96 33.46 -5.75
C LEU A 635 3.46 33.70 -5.63
N PRO A 636 2.63 32.68 -5.84
CA PRO A 636 1.22 32.79 -5.48
C PRO A 636 1.07 32.93 -3.97
N ASP A 637 -0.14 33.35 -3.56
CA ASP A 637 -0.39 33.59 -2.14
C ASP A 637 -0.10 32.34 -1.30
N ASP A 638 -0.47 31.17 -1.80
CA ASP A 638 -0.28 29.95 -1.04
C ASP A 638 1.19 29.64 -0.79
N ALA A 639 2.10 30.21 -1.58
CA ALA A 639 3.53 30.00 -1.39
C ALA A 639 4.20 31.15 -0.66
N ARG A 640 3.42 32.04 -0.06
CA ARG A 640 3.94 33.11 0.80
C ARG A 640 3.50 32.75 2.21
N GLN A 641 4.34 31.99 2.90
CA GLN A 641 3.98 31.37 4.17
C GLN A 641 5.14 31.47 5.15
N PHE A 642 4.80 31.59 6.43
CA PHE A 642 5.79 31.36 7.46
C PHE A 642 6.07 29.86 7.56
N GLY A 643 7.34 29.51 7.58
CA GLY A 643 7.71 28.11 7.71
C GLY A 643 7.51 27.33 6.43
N ILE A 644 8.23 27.71 5.38
CA ILE A 644 8.08 27.12 4.05
C ILE A 644 9.44 26.64 3.59
N GLN A 645 9.43 25.66 2.69
CA GLN A 645 10.65 25.16 2.07
C GLN A 645 10.42 25.06 0.57
N PHE A 646 11.44 25.38 -0.21
CA PHE A 646 11.43 25.23 -1.65
C PHE A 646 12.38 24.11 -2.04
N ARG A 647 11.97 23.30 -3.02
CA ARG A 647 12.74 22.13 -3.42
C ARG A 647 12.87 22.07 -4.94
N TRP A 648 14.10 21.91 -5.40
CA TRP A 648 14.41 21.58 -6.79
C TRP A 648 14.81 20.11 -6.85
N TRP A 649 14.24 19.38 -7.79
CA TRP A 649 14.36 17.92 -7.75
C TRP A 649 14.23 17.35 -9.16
N GLN A 650 15.17 16.47 -9.51
CA GLN A 650 15.12 15.72 -10.76
C GLN A 650 14.72 14.29 -10.41
N PRO A 651 13.45 13.91 -10.58
CA PRO A 651 13.01 12.59 -10.13
C PRO A 651 13.57 11.44 -10.95
N TYR A 652 13.81 11.63 -12.25
CA TYR A 652 14.29 10.58 -13.13
C TYR A 652 15.58 11.01 -13.81
N HIS A 653 16.58 10.13 -13.80
CA HIS A 653 17.81 10.34 -14.54
C HIS A 653 18.54 9.02 -14.69
N SER A 654 19.47 8.97 -15.63
CA SER A 654 20.19 7.75 -15.96
C SER A 654 21.36 7.46 -15.01
N SER A 655 21.56 8.30 -14.00
CA SER A 655 22.34 7.96 -12.80
C SER A 655 23.76 7.50 -13.13
N GLN A 656 24.51 8.39 -13.78
CA GLN A 656 25.93 8.17 -14.01
C GLN A 656 26.66 9.50 -13.90
N GLY A 657 27.03 10.06 -15.04
CA GLY A 657 27.35 11.46 -15.18
C GLY A 657 26.42 12.00 -16.24
N GLU A 658 25.18 11.50 -16.21
CA GLU A 658 24.21 11.71 -17.27
C GLU A 658 23.09 12.65 -16.80
N ASP A 659 22.45 13.27 -17.79
CA ASP A 659 21.28 14.12 -17.56
C ASP A 659 21.59 15.21 -16.53
N VAL A 660 22.80 15.76 -16.63
CA VAL A 660 23.30 16.70 -15.63
C VAL A 660 22.55 18.03 -15.76
N TRP A 661 22.23 18.63 -14.62
CA TRP A 661 21.68 19.97 -14.57
C TRP A 661 22.41 20.74 -13.47
N ALA A 662 22.24 22.06 -13.46
CA ALA A 662 22.97 22.91 -12.54
C ALA A 662 22.10 24.10 -12.14
N ILE A 663 22.38 24.64 -10.96
CA ILE A 663 21.65 25.77 -10.42
C ILE A 663 22.65 26.71 -9.76
N ASP A 664 22.30 28.00 -9.73
CA ASP A 664 23.22 29.00 -9.18
C ASP A 664 22.44 30.26 -8.87
N GLU A 665 22.97 31.06 -7.94
CA GLU A 665 22.48 32.41 -7.67
C GLU A 665 21.00 32.40 -7.29
N ILE A 666 20.70 31.73 -6.18
CA ILE A 666 19.35 31.63 -5.64
C ILE A 666 19.11 32.83 -4.74
N VAL A 667 18.04 33.58 -5.01
CA VAL A 667 17.76 34.80 -4.26
C VAL A 667 16.27 34.88 -3.95
N MET A 668 15.95 35.18 -2.68
CA MET A 668 14.63 35.59 -2.29
C MET A 668 14.77 36.78 -1.33
N THR A 669 13.98 37.82 -1.55
CA THR A 669 14.03 39.02 -0.73
C THR A 669 12.66 39.31 -0.14
N SER A 670 12.62 40.30 0.73
CA SER A 670 11.36 40.72 1.32
C SER A 670 11.43 42.21 1.63
N ARG A 671 10.27 42.87 1.55
CA ARG A 671 10.18 44.26 1.99
C ARG A 671 9.53 44.33 3.36
#